data_6AWO
#
_entry.id   6AWO
#
_cell.length_a   128.980
_cell.length_b   161.960
_cell.length_c   140.820
_cell.angle_alpha   90.00
_cell.angle_beta   90.00
_cell.angle_gamma   90.00
#
_symmetry.space_group_name_H-M   'C 2 2 21'
#
loop_
_entity.id
_entity.type
_entity.pdbx_description
1 polymer 'Sodium-dependent serotonin transporter'
2 polymer '8B6 antibody FAB heavy chain'
3 polymer '8B6 antibody FAB light chain'
4 non-polymer (1S,4S)-4-(3,4-dichlorophenyl)-N-methyl-1,2,3,4-tetrahydronaphthalen-1-amine
5 non-polymer 2-acetamido-2-deoxy-beta-D-glucopyranose
6 non-polymer CHOLESTEROL
7 non-polymer 'CHLORIDE ION'
8 non-polymer 'SODIUM ION'
9 water water
#
loop_
_entity_poly.entity_id
_entity_poly.type
_entity_poly.pdbx_seq_one_letter_code
_entity_poly.pdbx_strand_id
1 'polypeptide(L)'
;GSQGERETWGKKVDFLLSVIGYAVDLGNVWRFPYICAQNGGGAFLLPYTIMAIFGGIPLFYMELALGQYHRNGCISIWRK
ICPIFKGIGYAICIIAFYIASYYNTIMAWALYYLISSFTDQLPWTSCKNSWNTGNCTNYFSEDNITWTLHSTSPAEEFYT
RHVLQIHRSKGLQDLGGISWQLALCIMLIFTVIYFSIWKGVKTSGKVVWVTATFPYIALSVLLVRGATLPGAWRGVLFYL
KPNWQKLLETGVWIDAAAQIFFSLGPGFGVLLAFASYNKFNNNCYQDALVTSVVNCMTSFVSGFVIFTVLGYMAEMRNED
VSEVAKDAGPSLLFITYAEAIANMPASTFFAIIFFLMLITLGLDSSFAGLEGVITAVLDEFPHVWAKRRERFVLAVVITC
FFGSLVTLTFGGAYVVKLLEEYATGPAVLTVALIEAVAVSWFYGITQFCRDVKEMLGFSPGWFWRICWVAISPLFLLFII
ASFLMSPPQLRLFQYNYPYWSIILGYAIGTSSFICIPTYIAYRLIITPGTFKERIIKSITPETPTLVPR
;
A
2 'polypeptide(L)'
;EVQLQQSGPELVKPGASVKISCKASGYTFTDYYMNWVKQSHGKSLEWIGNINPNNGGTSYNQKFKGKATLTVDKSSTTAY
MELRSLTSEDSAVYYCTRSPVRPYYFDYWGQGTTLTVSSAKTTPPSVYPLAPGCGDTTGSSVTLGCLVKGYFPESVTVTW
NSGSLSSSVHTFPALLQSGLYTMSSSVTVPSSTWPSQTVTCSVAHPASSTTVDKKLEPRGSHHHHHHHH
;
B
3 'polypeptide(L)'
;DIVMTQSHKFMSTSVGDRVSITCKASQDVSTAVAWYQQKPGQSPKLLIYSASYRYTGVPDRFTGSGSGTDFTFTISSVQA
EDLAVYYCQQHYSIPRTFGGGTKLEIKRADAAPTVSIFPPSSEQLTSGGASVVCFLNNFYPKDINVKWKIDGSERQNGVL
NSWTDQDSKDSTYSMSSTLTLTKDEYERHNSYTCEATHKTSTSPIVKSFNRNEC
;
C
#
loop_
_chem_comp.id
_chem_comp.type
_chem_comp.name
_chem_comp.formula
CL non-polymer 'CHLORIDE ION' 'Cl -1'
CLR non-polymer CHOLESTEROL 'C27 H46 O'
NA non-polymer 'SODIUM ION' 'Na 1'
NAG D-saccharide, beta linking 2-acetamido-2-deoxy-beta-D-glucopyranose 'C8 H15 N O6'
SRE non-polymer (1S,4S)-4-(3,4-dichlorophenyl)-N-methyl-1,2,3,4-tetrahydronaphthalen-1-amine 'C17 H17 Cl2 N'
#
# COMPACT_ATOMS: atom_id res chain seq x y z
N GLY A 1 -9.70 -15.10 48.74
CA GLY A 1 -10.15 -13.73 48.82
C GLY A 1 -10.05 -12.98 47.49
N SER A 2 -10.60 -11.77 47.46
CA SER A 2 -10.59 -10.91 46.28
C SER A 2 -11.17 -11.64 45.07
N GLN A 3 -10.30 -12.07 44.15
CA GLN A 3 -10.76 -12.83 42.99
C GLN A 3 -11.05 -14.28 43.37
N GLY A 4 -10.04 -15.01 43.81
CA GLY A 4 -10.21 -16.43 44.06
C GLY A 4 -10.59 -17.14 42.78
N GLU A 5 -11.81 -17.68 42.75
CA GLU A 5 -12.21 -18.50 41.62
C GLU A 5 -12.46 -17.61 40.40
N ARG A 6 -12.41 -18.23 39.22
CA ARG A 6 -12.62 -17.50 37.99
C ARG A 6 -14.09 -17.57 37.60
N GLU A 7 -14.44 -16.86 36.53
CA GLU A 7 -15.82 -16.79 36.07
C GLU A 7 -16.13 -18.05 35.26
N THR A 8 -17.36 -18.19 34.81
CA THR A 8 -17.69 -19.38 34.02
C THR A 8 -18.52 -18.96 32.81
N TRP A 9 -18.94 -19.63 31.74
CA TRP A 9 -19.68 -19.24 30.54
C TRP A 9 -21.18 -19.17 30.83
N GLY A 10 -21.92 -18.43 30.03
CA GLY A 10 -23.36 -18.30 30.24
C GLY A 10 -24.31 -19.36 29.71
N LYS A 11 -23.83 -20.24 28.83
CA LYS A 11 -24.65 -21.31 28.26
C LYS A 11 -23.77 -22.24 27.44
N LYS A 12 -24.14 -23.53 27.45
CA LYS A 12 -23.45 -24.56 26.67
C LYS A 12 -23.35 -24.22 25.19
N VAL A 13 -24.47 -23.76 24.60
CA VAL A 13 -24.53 -23.47 23.17
C VAL A 13 -23.62 -22.31 22.78
N ASP A 14 -23.42 -21.35 23.69
CA ASP A 14 -22.61 -20.18 23.37
C ASP A 14 -21.17 -20.56 23.03
N PHE A 15 -20.56 -21.56 24.09
CA PHE A 15 -19.21 -22.08 23.94
C PHE A 15 -19.18 -23.07 22.78
N LEU A 16 -20.19 -23.73 22.49
CA LEU A 16 -20.21 -24.72 21.42
C LEU A 16 -20.17 -24.03 20.06
N LEU A 17 -20.75 -22.84 19.99
CA LEU A 17 -20.72 -22.05 18.76
C LEU A 17 -19.53 -21.12 18.74
N SER A 18 -18.93 -20.84 19.89
CA SER A 18 -17.75 -19.99 19.90
C SER A 18 -16.58 -20.75 19.31
N VAL A 19 -16.41 -22.01 19.75
CA VAL A 19 -15.35 -22.85 19.22
C VAL A 19 -15.64 -23.17 17.77
N ILE A 20 -16.92 -23.40 17.42
CA ILE A 20 -17.20 -23.67 16.01
C ILE A 20 -16.89 -22.43 15.16
N GLY A 21 -17.29 -21.25 15.63
CA GLY A 21 -17.00 -20.02 14.92
C GLY A 21 -15.52 -19.72 14.76
N TYR A 22 -14.73 -19.99 15.79
CA TYR A 22 -13.28 -19.88 15.64
C TYR A 22 -12.71 -20.89 14.66
N ALA A 23 -13.19 -22.14 14.70
CA ALA A 23 -12.66 -23.16 13.79
C ALA A 23 -12.95 -22.84 12.33
N VAL A 24 -14.12 -22.25 12.04
CA VAL A 24 -14.54 -21.95 10.67
C VAL A 24 -14.10 -20.54 10.29
N ASP A 25 -13.43 -20.43 9.14
CA ASP A 25 -12.91 -19.15 8.70
C ASP A 25 -12.89 -19.11 7.17
N LEU A 26 -12.08 -18.21 6.61
CA LEU A 26 -11.97 -18.08 5.16
C LEU A 26 -11.45 -19.38 4.53
N GLY A 27 -10.39 -19.94 5.13
CA GLY A 27 -9.75 -21.10 4.53
C GLY A 27 -10.69 -22.29 4.43
N ASN A 28 -11.53 -22.50 5.45
CA ASN A 28 -12.56 -23.52 5.33
C ASN A 28 -13.43 -23.29 4.09
N VAL A 29 -13.71 -22.03 3.76
CA VAL A 29 -14.59 -21.73 2.64
C VAL A 29 -13.92 -21.97 1.30
N TRP A 30 -12.66 -21.53 1.14
CA TRP A 30 -12.09 -21.55 -0.21
C TRP A 30 -10.82 -22.38 -0.32
N ARG A 31 -10.02 -22.47 0.73
CA ARG A 31 -8.82 -23.30 0.69
C ARG A 31 -9.16 -24.78 0.63
N PHE A 32 -10.13 -25.25 1.42
CA PHE A 32 -10.49 -26.67 1.34
C PHE A 32 -11.07 -27.05 -0.01
N PRO A 33 -11.96 -26.27 -0.65
CA PRO A 33 -12.43 -26.70 -1.98
C PRO A 33 -11.29 -26.79 -2.98
N TYR A 34 -10.37 -25.82 -2.96
CA TYR A 34 -9.25 -25.84 -3.89
C TYR A 34 -8.35 -27.04 -3.64
N ILE A 35 -7.90 -27.21 -2.39
CA ILE A 35 -6.97 -28.30 -2.08
C ILE A 35 -7.65 -29.65 -2.28
N CYS A 36 -8.98 -29.70 -2.20
CA CYS A 36 -9.69 -30.94 -2.44
C CYS A 36 -9.82 -31.22 -3.92
N ALA A 37 -9.94 -30.15 -4.72
CA ALA A 37 -10.12 -30.29 -6.16
C ALA A 37 -8.82 -30.66 -6.85
N GLN A 38 -7.70 -30.09 -6.40
CA GLN A 38 -6.43 -30.27 -7.08
C GLN A 38 -5.63 -31.45 -6.53
N ASN A 39 -6.13 -32.14 -5.51
CA ASN A 39 -5.42 -33.27 -4.94
C ASN A 39 -6.29 -34.52 -4.96
N GLY A 40 -6.71 -34.96 -6.14
CA GLY A 40 -7.46 -36.19 -6.27
C GLY A 40 -8.95 -36.01 -6.40
N GLY A 41 -9.45 -34.79 -6.27
CA GLY A 41 -10.90 -34.58 -6.32
C GLY A 41 -11.60 -35.20 -5.13
N GLY A 42 -12.66 -35.97 -5.42
CA GLY A 42 -13.37 -36.64 -4.35
C GLY A 42 -12.51 -37.58 -3.53
N ALA A 43 -11.48 -38.16 -4.16
CA ALA A 43 -10.59 -39.07 -3.45
C ALA A 43 -9.80 -38.36 -2.35
N PHE A 44 -9.82 -37.02 -2.32
CA PHE A 44 -9.14 -36.32 -1.26
C PHE A 44 -9.90 -36.47 0.04
N LEU A 45 -11.14 -36.91 -0.04
CA LEU A 45 -11.96 -37.12 1.14
C LEU A 45 -11.38 -38.27 1.97
N LEU A 46 -10.65 -39.20 1.34
CA LEU A 46 -10.17 -40.35 2.11
C LEU A 46 -9.03 -40.00 3.06
N PRO A 47 -7.92 -39.37 2.64
CA PRO A 47 -6.87 -39.07 3.63
C PRO A 47 -7.22 -37.90 4.53
N TYR A 48 -8.19 -37.06 4.12
CA TYR A 48 -8.57 -35.91 4.92
C TYR A 48 -9.20 -36.34 6.21
N THR A 49 -9.92 -37.46 6.19
CA THR A 49 -10.55 -37.96 7.39
C THR A 49 -9.53 -38.71 8.23
N ILE A 50 -8.63 -39.47 7.59
CA ILE A 50 -7.65 -40.22 8.35
C ILE A 50 -6.76 -39.29 9.18
N MET A 51 -6.34 -38.17 8.57
CA MET A 51 -5.51 -37.21 9.28
C MET A 51 -6.31 -36.50 10.36
N ALA A 52 -7.63 -36.61 10.28
CA ALA A 52 -8.49 -36.05 11.31
C ALA A 52 -8.59 -37.07 12.44
N ILE A 53 -9.01 -38.30 12.12
CA ILE A 53 -9.22 -39.32 13.14
C ILE A 53 -7.95 -39.56 13.94
N PHE A 54 -6.79 -39.57 13.28
CA PHE A 54 -5.54 -39.86 13.95
C PHE A 54 -4.76 -38.64 14.41
N GLY A 55 -4.96 -37.48 13.77
CA GLY A 55 -4.18 -36.31 14.10
C GLY A 55 -4.95 -35.15 14.69
N GLY A 56 -5.95 -34.66 13.96
CA GLY A 56 -6.73 -33.49 14.34
C GLY A 56 -7.58 -33.64 15.58
N ILE A 57 -8.47 -34.64 15.58
CA ILE A 57 -9.38 -34.82 16.71
C ILE A 57 -8.64 -35.04 18.03
N PRO A 58 -7.58 -35.86 18.10
CA PRO A 58 -6.91 -36.00 19.41
C PRO A 58 -6.29 -34.71 19.91
N LEU A 59 -5.70 -33.89 19.03
CA LEU A 59 -5.16 -32.62 19.50
C LEU A 59 -6.26 -31.66 19.93
N PHE A 60 -7.38 -31.67 19.19
CA PHE A 60 -8.51 -30.80 19.52
C PHE A 60 -9.09 -31.15 20.88
N TYR A 61 -9.31 -32.45 21.11
CA TYR A 61 -9.90 -32.91 22.36
C TYR A 61 -8.93 -32.76 23.53
N MET A 62 -7.66 -33.10 23.31
CA MET A 62 -6.66 -32.96 24.37
C MET A 62 -6.47 -31.50 24.76
N GLU A 63 -6.52 -30.60 23.79
CA GLU A 63 -6.40 -29.18 24.09
C GLU A 63 -7.65 -28.68 24.82
N LEU A 64 -8.82 -29.16 24.42
CA LEU A 64 -10.03 -28.65 25.03
C LEU A 64 -10.18 -29.22 26.44
N ALA A 65 -9.54 -30.37 26.69
CA ALA A 65 -9.65 -30.99 28.00
C ALA A 65 -8.69 -30.29 28.94
N LEU A 66 -7.45 -30.10 28.50
CA LEU A 66 -6.47 -29.44 29.36
C LEU A 66 -6.99 -28.05 29.72
N GLY A 67 -7.58 -27.36 28.74
CA GLY A 67 -8.10 -26.03 28.99
C GLY A 67 -9.25 -26.02 29.98
N GLN A 68 -10.19 -26.97 29.83
CA GLN A 68 -11.33 -26.96 30.73
C GLN A 68 -11.02 -27.53 32.11
N TYR A 69 -9.94 -28.31 32.22
CA TYR A 69 -9.53 -28.89 33.49
C TYR A 69 -8.70 -27.91 34.33
N HIS A 70 -7.58 -27.42 33.77
CA HIS A 70 -6.69 -26.57 34.57
C HIS A 70 -7.19 -25.15 34.71
N ARG A 71 -8.02 -24.67 33.78
CA ARG A 71 -8.57 -23.31 33.81
C ARG A 71 -7.50 -22.22 33.93
N ASN A 72 -6.39 -22.38 33.19
CA ASN A 72 -5.34 -21.38 33.23
C ASN A 72 -5.09 -20.85 31.82
N GLY A 73 -4.41 -19.72 31.72
CA GLY A 73 -4.11 -19.15 30.44
C GLY A 73 -3.08 -19.96 29.68
N CYS A 74 -2.58 -19.36 28.59
CA CYS A 74 -1.57 -20.05 27.80
C CYS A 74 -0.19 -19.99 28.44
N ILE A 75 0.01 -19.09 29.40
CA ILE A 75 1.30 -18.86 30.02
C ILE A 75 1.35 -19.45 31.43
N SER A 76 0.33 -19.13 32.25
CA SER A 76 0.31 -19.54 33.65
C SER A 76 0.09 -21.04 33.81
N ILE A 77 -0.39 -21.71 32.75
CA ILE A 77 -0.65 -23.13 32.81
C ILE A 77 0.65 -23.93 32.79
N TRP A 78 1.72 -23.35 32.25
CA TRP A 78 3.00 -24.04 32.20
C TRP A 78 3.72 -24.01 33.54
N ARG A 79 3.45 -23.00 34.36
CA ARG A 79 4.02 -22.96 35.70
C ARG A 79 3.53 -24.14 36.54
N LYS A 80 2.34 -24.65 36.25
CA LYS A 80 1.75 -25.76 36.98
C LYS A 80 1.97 -27.10 36.30
N ILE A 81 2.69 -27.14 35.18
CA ILE A 81 2.96 -28.37 34.47
C ILE A 81 4.46 -28.54 34.27
N CYS A 82 5.04 -27.74 33.37
CA CYS A 82 6.48 -27.81 33.12
C CYS A 82 7.01 -26.39 32.96
N PRO A 83 7.47 -25.77 34.05
CA PRO A 83 7.91 -24.36 34.00
C PRO A 83 8.88 -24.01 32.88
N ILE A 84 9.81 -24.91 32.52
CA ILE A 84 10.77 -24.58 31.47
C ILE A 84 10.07 -24.34 30.13
N PHE A 85 8.91 -24.92 29.92
CA PHE A 85 8.18 -24.76 28.67
C PHE A 85 7.24 -23.55 28.72
N LYS A 86 7.36 -22.74 29.77
CA LYS A 86 6.52 -21.55 29.90
C LYS A 86 6.72 -20.60 28.72
N GLY A 87 7.92 -20.61 28.13
CA GLY A 87 8.16 -19.80 26.94
C GLY A 87 7.17 -20.06 25.83
N ILE A 88 6.63 -21.29 25.77
CA ILE A 88 5.57 -21.60 24.81
C ILE A 88 4.44 -20.58 24.91
N GLY A 89 3.95 -20.35 26.12
CA GLY A 89 2.88 -19.39 26.34
C GLY A 89 3.22 -18.02 25.78
N TYR A 90 4.51 -17.67 25.74
CA TYR A 90 4.91 -16.39 25.17
C TYR A 90 4.99 -16.48 23.66
N ALA A 91 5.57 -17.59 23.15
CA ALA A 91 5.73 -17.77 21.71
C ALA A 91 4.42 -17.56 20.98
N ILE A 92 3.39 -18.32 21.39
CA ILE A 92 2.06 -18.18 20.81
C ILE A 92 1.64 -16.73 20.75
N CYS A 93 1.83 -15.99 21.85
CA CYS A 93 1.51 -14.57 21.87
C CYS A 93 2.11 -13.88 20.64
N ILE A 94 3.43 -13.98 20.49
CA ILE A 94 4.09 -13.35 19.35
C ILE A 94 3.49 -13.86 18.05
N ILE A 95 3.28 -15.18 17.97
CA ILE A 95 2.64 -15.79 16.79
C ILE A 95 1.34 -15.07 16.47
N ALA A 96 0.49 -14.90 17.48
CA ALA A 96 -0.80 -14.25 17.25
C ALA A 96 -0.61 -12.88 16.60
N PHE A 97 0.36 -12.10 17.10
CA PHE A 97 0.57 -10.76 16.57
C PHE A 97 0.85 -10.80 15.07
N TYR A 98 1.57 -11.83 14.62
CA TYR A 98 1.86 -11.92 13.20
C TYR A 98 0.58 -12.25 12.45
N ILE A 99 -0.18 -13.21 12.97
CA ILE A 99 -1.40 -13.57 12.31
C ILE A 99 -2.27 -12.31 12.22
N ALA A 100 -2.47 -11.66 13.38
CA ALA A 100 -3.29 -10.46 13.41
C ALA A 100 -2.76 -9.34 12.53
N SER A 101 -1.50 -9.43 12.09
CA SER A 101 -0.97 -8.39 11.22
C SER A 101 -1.58 -8.45 9.83
N TYR A 102 -2.05 -9.62 9.40
CA TYR A 102 -2.61 -9.72 8.06
C TYR A 102 -4.03 -10.26 8.02
N TYR A 103 -4.37 -11.21 8.90
CA TYR A 103 -5.69 -11.85 8.82
C TYR A 103 -6.82 -10.84 8.86
N ASN A 104 -6.62 -9.70 9.55
CA ASN A 104 -7.67 -8.70 9.58
C ASN A 104 -7.67 -7.89 8.30
N THR A 105 -6.48 -7.57 7.76
CA THR A 105 -6.41 -6.75 6.56
C THR A 105 -7.21 -7.40 5.44
N ILE A 106 -7.12 -8.74 5.35
CA ILE A 106 -7.92 -9.48 4.38
C ILE A 106 -9.39 -9.11 4.55
N MET A 107 -9.88 -9.23 5.78
CA MET A 107 -11.26 -8.85 6.07
C MET A 107 -11.51 -7.41 5.65
N ALA A 108 -10.51 -6.54 5.88
CA ALA A 108 -10.60 -5.15 5.47
C ALA A 108 -10.98 -5.06 4.01
N TRP A 109 -10.29 -5.84 3.16
CA TRP A 109 -10.60 -5.88 1.75
C TRP A 109 -12.08 -6.17 1.55
N ALA A 110 -12.55 -7.27 2.17
CA ALA A 110 -13.97 -7.61 2.08
C ALA A 110 -14.82 -6.43 2.56
N LEU A 111 -14.40 -5.79 3.65
CA LEU A 111 -15.14 -4.65 4.17
C LEU A 111 -15.17 -3.54 3.13
N TYR A 112 -14.00 -3.24 2.53
CA TYR A 112 -13.97 -2.22 1.50
C TYR A 112 -14.79 -2.66 0.29
N TYR A 113 -14.90 -3.97 0.08
CA TYR A 113 -15.73 -4.47 -1.00
C TYR A 113 -17.20 -4.39 -0.62
N LEU A 114 -17.48 -4.48 0.67
CA LEU A 114 -18.86 -4.49 1.14
C LEU A 114 -19.42 -3.08 1.06
N ILE A 115 -18.61 -2.10 1.47
CA ILE A 115 -19.08 -0.72 1.45
C ILE A 115 -19.15 -0.27 0.00
N SER A 116 -18.54 -1.04 -0.90
CA SER A 116 -18.56 -0.72 -2.32
C SER A 116 -19.65 -1.51 -3.04
N SER A 117 -20.42 -2.32 -2.31
CA SER A 117 -21.45 -3.16 -2.90
C SER A 117 -22.86 -2.60 -2.71
N PHE A 118 -22.98 -1.34 -2.30
CA PHE A 118 -24.29 -0.73 -2.12
C PHE A 118 -24.79 0.04 -3.34
N THR A 119 -24.04 0.04 -4.42
CA THR A 119 -24.45 0.72 -5.64
C THR A 119 -25.30 -0.17 -6.53
N ASP A 120 -26.25 0.46 -7.23
CA ASP A 120 -27.11 -0.25 -8.16
C ASP A 120 -26.31 -0.87 -9.30
N GLN A 121 -25.21 -0.22 -9.69
CA GLN A 121 -24.30 -0.73 -10.70
C GLN A 121 -22.98 -1.02 -10.01
N LEU A 122 -22.59 -2.29 -9.97
CA LEU A 122 -21.39 -2.69 -9.27
C LEU A 122 -20.14 -2.11 -9.94
N PRO A 123 -19.19 -1.59 -9.15
CA PRO A 123 -18.01 -0.95 -9.73
C PRO A 123 -17.17 -1.84 -10.64
N TRP A 124 -17.12 -3.15 -10.37
CA TRP A 124 -16.28 -4.08 -11.12
C TRP A 124 -17.00 -4.74 -12.29
N THR A 125 -18.05 -4.10 -12.82
CA THR A 125 -18.75 -4.61 -13.98
C THR A 125 -18.33 -3.90 -15.27
N SER A 126 -18.24 -2.58 -15.24
CA SER A 126 -17.86 -1.79 -16.40
C SER A 126 -16.37 -1.46 -16.36
N CYS A 127 -15.89 -0.90 -17.47
CA CYS A 127 -14.48 -0.51 -17.58
C CYS A 127 -14.30 1.00 -17.59
N LYS A 128 -15.39 1.77 -17.63
CA LYS A 128 -15.34 3.23 -17.66
C LYS A 128 -15.19 3.75 -16.23
N ASN A 129 -14.02 3.47 -15.65
CA ASN A 129 -13.71 3.90 -14.29
C ASN A 129 -12.39 4.65 -14.28
N SER A 130 -11.98 5.09 -13.08
CA SER A 130 -10.79 5.91 -12.92
C SER A 130 -9.54 5.07 -12.70
N TRP A 131 -9.69 3.76 -12.56
CA TRP A 131 -8.58 2.86 -12.30
C TRP A 131 -8.29 1.89 -13.44
N ASN A 132 -9.25 1.70 -14.34
CA ASN A 132 -9.06 0.79 -15.46
C ASN A 132 -8.04 1.35 -16.46
N THR A 133 -7.34 0.44 -17.12
CA THR A 133 -6.38 0.78 -18.16
C THR A 133 -7.03 0.68 -19.54
N GLY A 134 -6.21 0.78 -20.58
CA GLY A 134 -6.72 0.58 -21.91
C GLY A 134 -6.85 -0.86 -22.29
N ASN A 135 -6.34 -1.75 -21.43
CA ASN A 135 -6.47 -3.19 -21.65
C ASN A 135 -7.80 -3.71 -21.16
N CYS A 136 -8.51 -2.93 -20.35
CA CYS A 136 -9.76 -3.38 -19.75
C CYS A 136 -10.78 -3.71 -20.84
N THR A 137 -11.17 -4.97 -20.91
CA THR A 137 -12.22 -5.42 -21.81
C THR A 137 -13.22 -6.19 -20.97
N ASN A 138 -14.47 -5.77 -21.01
CA ASN A 138 -15.53 -6.34 -20.20
C ASN A 138 -16.58 -7.00 -21.08
N TYR A 139 -17.62 -7.50 -20.45
CA TYR A 139 -18.75 -8.07 -21.15
C TYR A 139 -19.89 -7.06 -21.19
N PHE A 140 -21.02 -7.48 -21.76
CA PHE A 140 -22.05 -6.56 -22.25
C PHE A 140 -21.46 -5.60 -23.29
N SER A 141 -20.41 -6.04 -23.95
CA SER A 141 -19.68 -5.32 -24.99
C SER A 141 -19.84 -6.10 -26.30
N GLU A 142 -19.30 -5.65 -27.49
CA GLU A 142 -19.27 -6.40 -28.74
C GLU A 142 -18.79 -7.83 -28.46
N ASP A 143 -19.44 -8.80 -29.11
CA ASP A 143 -19.24 -10.24 -28.90
C ASP A 143 -18.00 -10.55 -29.76
N ASN A 144 -17.67 -11.81 -30.07
CA ASN A 144 -16.40 -12.17 -30.73
C ASN A 144 -15.09 -11.84 -30.00
N ILE A 145 -15.11 -11.13 -28.86
CA ILE A 145 -13.87 -10.70 -28.25
C ILE A 145 -12.94 -11.89 -28.01
N THR A 146 -11.64 -11.64 -28.19
CA THR A 146 -10.66 -12.67 -27.89
C THR A 146 -9.65 -12.11 -26.91
N TRP A 147 -9.40 -12.87 -25.84
CA TRP A 147 -8.55 -12.38 -24.77
C TRP A 147 -7.09 -12.38 -25.19
N THR A 148 -6.36 -11.37 -24.75
CA THR A 148 -4.98 -11.18 -25.11
C THR A 148 -4.11 -11.30 -23.86
N LEU A 149 -2.82 -11.55 -24.08
CA LEU A 149 -1.89 -11.68 -22.95
C LEU A 149 -1.88 -10.44 -22.08
N HIS A 150 -2.20 -9.28 -22.64
CA HIS A 150 -2.17 -8.04 -21.88
C HIS A 150 -3.57 -7.59 -21.48
N SER A 151 -4.62 -8.24 -22.00
CA SER A 151 -5.99 -7.86 -21.70
C SER A 151 -6.33 -8.19 -20.25
N THR A 152 -7.17 -7.35 -19.64
CA THR A 152 -7.59 -7.58 -18.28
C THR A 152 -9.10 -7.38 -18.18
N SER A 153 -9.72 -7.96 -17.08
CA SER A 153 -11.14 -7.90 -16.82
C SER A 153 -11.46 -6.82 -15.78
N PRO A 154 -12.64 -6.21 -15.85
CA PRO A 154 -12.98 -5.15 -14.89
C PRO A 154 -12.91 -5.59 -13.43
N ALA A 155 -13.16 -6.88 -13.15
CA ALA A 155 -13.03 -7.36 -11.78
C ALA A 155 -11.57 -7.46 -11.36
N GLU A 156 -10.73 -8.08 -12.20
CA GLU A 156 -9.30 -8.14 -11.93
C GLU A 156 -8.72 -6.75 -11.84
N GLU A 157 -9.19 -5.84 -12.69
CA GLU A 157 -8.75 -4.45 -12.65
C GLU A 157 -9.19 -3.79 -11.34
N PHE A 158 -10.40 -4.10 -10.88
CA PHE A 158 -10.93 -3.48 -9.68
C PHE A 158 -10.17 -3.94 -8.44
N TYR A 159 -9.83 -5.22 -8.37
CA TYR A 159 -9.05 -5.72 -7.24
C TYR A 159 -7.63 -5.21 -7.32
N THR A 160 -7.00 -5.35 -8.48
CA THR A 160 -5.58 -5.04 -8.63
C THR A 160 -5.30 -3.55 -8.50
N ARG A 161 -6.08 -2.71 -9.18
CA ARG A 161 -5.71 -1.31 -9.31
C ARG A 161 -6.50 -0.36 -8.42
N HIS A 162 -7.57 -0.80 -7.77
CA HIS A 162 -8.40 0.09 -6.94
C HIS A 162 -8.27 -0.21 -5.46
N VAL A 163 -8.81 -1.35 -5.00
CA VAL A 163 -8.82 -1.64 -3.56
C VAL A 163 -7.43 -2.04 -3.08
N LEU A 164 -6.84 -3.06 -3.72
CA LEU A 164 -5.51 -3.51 -3.33
C LEU A 164 -4.46 -2.49 -3.75
N GLN A 165 -4.62 -1.93 -4.95
CA GLN A 165 -3.71 -0.92 -5.49
C GLN A 165 -2.28 -1.44 -5.56
N ILE A 166 -2.14 -2.69 -6.02
CA ILE A 166 -0.84 -3.36 -5.98
C ILE A 166 0.06 -2.93 -7.14
N HIS A 167 -0.49 -2.18 -8.11
CA HIS A 167 0.30 -1.71 -9.24
C HIS A 167 1.19 -0.54 -8.85
N ARG A 168 0.99 0.01 -7.66
CA ARG A 168 1.73 1.17 -7.18
C ARG A 168 2.98 0.77 -6.43
N SER A 169 3.23 -0.54 -6.30
CA SER A 169 4.38 -1.10 -5.62
C SER A 169 5.11 -2.03 -6.58
N LYS A 170 6.42 -2.16 -6.39
CA LYS A 170 7.23 -3.01 -7.26
C LYS A 170 7.55 -4.36 -6.63
N GLY A 171 7.03 -4.65 -5.44
CA GLY A 171 7.29 -5.91 -4.78
C GLY A 171 7.55 -5.66 -3.31
N LEU A 172 8.27 -6.59 -2.69
CA LEU A 172 8.58 -6.42 -1.27
C LEU A 172 9.55 -5.26 -1.08
N GLN A 173 10.42 -5.02 -2.08
CA GLN A 173 11.39 -3.94 -2.01
C GLN A 173 10.70 -2.60 -1.81
N ASP A 174 9.82 -2.24 -2.75
CA ASP A 174 9.05 -1.01 -2.69
C ASP A 174 7.57 -1.32 -2.61
N LEU A 175 6.97 -1.04 -1.45
CA LEU A 175 5.58 -1.34 -1.19
C LEU A 175 4.82 -0.14 -0.64
N GLY A 176 5.51 0.84 -0.06
CA GLY A 176 4.85 2.01 0.49
C GLY A 176 4.18 2.83 -0.59
N GLY A 177 3.24 3.68 -0.18
CA GLY A 177 2.89 3.83 1.22
C GLY A 177 1.62 3.11 1.60
N ILE A 178 0.90 3.67 2.57
CA ILE A 178 -0.28 3.04 3.15
C ILE A 178 -1.53 3.59 2.46
N SER A 179 -2.49 2.69 2.22
CA SER A 179 -3.80 3.10 1.70
C SER A 179 -4.67 3.48 2.88
N TRP A 180 -5.22 4.68 2.85
CA TRP A 180 -6.01 5.15 3.99
C TRP A 180 -7.37 4.46 4.03
N GLN A 181 -7.88 4.04 2.87
CA GLN A 181 -9.18 3.37 2.84
C GLN A 181 -9.13 2.08 3.64
N LEU A 182 -8.20 1.18 3.30
CA LEU A 182 -8.09 -0.07 4.04
C LEU A 182 -7.64 0.13 5.48
N ALA A 183 -7.02 1.28 5.77
CA ALA A 183 -6.68 1.58 7.16
C ALA A 183 -7.95 1.89 7.96
N LEU A 184 -8.84 2.69 7.38
CA LEU A 184 -10.13 2.97 8.02
C LEU A 184 -10.96 1.70 8.12
N CYS A 185 -10.96 0.87 7.08
CA CYS A 185 -11.69 -0.39 7.12
C CYS A 185 -11.19 -1.26 8.27
N ILE A 186 -9.88 -1.48 8.34
CA ILE A 186 -9.36 -2.34 9.40
C ILE A 186 -9.52 -1.69 10.77
N MET A 187 -9.68 -0.36 10.81
CA MET A 187 -9.99 0.29 12.08
C MET A 187 -11.43 -0.01 12.49
N LEU A 188 -12.36 0.03 11.53
CA LEU A 188 -13.74 -0.33 11.81
C LEU A 188 -13.83 -1.79 12.26
N ILE A 189 -13.02 -2.66 11.67
CA ILE A 189 -13.01 -4.07 12.06
C ILE A 189 -12.44 -4.20 13.46
N PHE A 190 -11.34 -3.51 13.73
CA PHE A 190 -10.74 -3.56 15.06
C PHE A 190 -11.65 -2.90 16.11
N THR A 191 -12.66 -2.15 15.67
CA THR A 191 -13.63 -1.56 16.56
C THR A 191 -14.78 -2.53 16.78
N VAL A 192 -15.13 -3.30 15.75
CA VAL A 192 -16.25 -4.21 15.90
C VAL A 192 -15.76 -5.41 16.69
N ILE A 193 -14.43 -5.61 16.75
CA ILE A 193 -13.91 -6.69 17.58
C ILE A 193 -13.64 -6.10 18.95
N TYR A 194 -13.44 -4.77 19.01
CA TYR A 194 -13.17 -4.14 20.29
C TYR A 194 -14.42 -4.23 21.16
N PHE A 195 -15.57 -3.86 20.61
CA PHE A 195 -16.77 -3.90 21.42
C PHE A 195 -17.29 -5.33 21.57
N SER A 196 -16.62 -6.29 20.95
CA SER A 196 -16.97 -7.71 21.04
C SER A 196 -15.99 -8.49 21.91
N ILE A 197 -14.97 -7.83 22.47
CA ILE A 197 -13.93 -8.52 23.25
C ILE A 197 -13.73 -7.79 24.57
N TRP A 198 -13.87 -6.46 24.55
CA TRP A 198 -13.50 -5.63 25.70
C TRP A 198 -14.20 -6.05 26.99
N LYS A 199 -15.40 -6.61 26.90
CA LYS A 199 -16.13 -7.03 28.09
C LYS A 199 -15.79 -8.45 28.53
N GLY A 200 -15.00 -9.18 27.73
CA GLY A 200 -14.61 -10.51 28.13
C GLY A 200 -15.34 -11.53 27.30
N VAL A 201 -15.67 -12.68 27.89
CA VAL A 201 -16.35 -13.73 27.14
C VAL A 201 -17.84 -13.45 27.01
N LYS A 202 -18.36 -12.45 27.73
CA LYS A 202 -19.79 -12.14 27.65
C LYS A 202 -20.14 -11.58 26.28
N THR A 203 -19.34 -10.65 25.76
CA THR A 203 -19.71 -10.10 24.47
C THR A 203 -19.21 -11.03 23.36
N SER A 204 -18.05 -11.65 23.52
CA SER A 204 -17.65 -12.54 22.44
C SER A 204 -18.54 -13.78 22.41
N GLY A 205 -19.34 -13.97 23.45
CA GLY A 205 -20.30 -15.07 23.54
C GLY A 205 -21.68 -14.64 23.14
N LYS A 206 -21.88 -13.34 22.96
CA LYS A 206 -23.19 -12.88 22.53
C LYS A 206 -23.09 -12.54 21.05
N VAL A 207 -21.95 -11.96 20.68
CA VAL A 207 -21.66 -11.61 19.29
C VAL A 207 -21.41 -12.89 18.48
N VAL A 208 -20.85 -13.93 19.11
CA VAL A 208 -20.62 -15.16 18.34
C VAL A 208 -21.93 -15.72 17.81
N TRP A 209 -23.04 -15.52 18.54
CA TRP A 209 -24.34 -15.99 18.05
C TRP A 209 -24.58 -15.55 16.62
N VAL A 210 -24.19 -14.32 16.30
CA VAL A 210 -24.37 -13.79 14.96
C VAL A 210 -23.21 -14.19 14.07
N THR A 211 -21.98 -14.01 14.54
CA THR A 211 -20.81 -14.26 13.70
C THR A 211 -20.70 -15.72 13.27
N ALA A 212 -21.25 -16.64 14.05
CA ALA A 212 -21.11 -18.06 13.75
C ALA A 212 -22.29 -18.65 12.99
N THR A 213 -23.46 -18.01 13.03
CA THR A 213 -24.65 -18.53 12.37
C THR A 213 -24.91 -17.90 11.00
N PHE A 214 -24.46 -16.66 10.80
CA PHE A 214 -24.64 -16.01 9.50
C PHE A 214 -23.96 -16.73 8.35
N PRO A 215 -22.70 -17.20 8.46
CA PRO A 215 -22.06 -17.83 7.30
C PRO A 215 -22.84 -19.03 6.78
N TYR A 216 -23.55 -19.76 7.65
CA TYR A 216 -24.32 -20.91 7.17
C TYR A 216 -25.53 -20.44 6.36
N ILE A 217 -26.16 -19.35 6.79
CA ILE A 217 -27.28 -18.78 6.04
C ILE A 217 -26.80 -18.29 4.68
N ALA A 218 -25.75 -17.46 4.67
CA ALA A 218 -25.22 -16.94 3.41
C ALA A 218 -24.78 -18.07 2.49
N LEU A 219 -24.11 -19.08 3.05
CA LEU A 219 -23.70 -20.23 2.25
C LEU A 219 -24.91 -20.97 1.71
N SER A 220 -26.00 -21.02 2.49
CA SER A 220 -27.22 -21.66 2.01
C SER A 220 -27.81 -20.90 0.83
N VAL A 221 -27.91 -19.57 0.95
CA VAL A 221 -28.46 -18.76 -0.14
C VAL A 221 -27.61 -18.92 -1.40
N LEU A 222 -26.28 -18.80 -1.24
CA LEU A 222 -25.39 -18.98 -2.38
C LEU A 222 -25.45 -20.40 -2.91
N LEU A 223 -25.77 -21.37 -2.06
CA LEU A 223 -25.84 -22.76 -2.48
C LEU A 223 -27.06 -23.01 -3.35
N VAL A 224 -28.24 -22.64 -2.85
CA VAL A 224 -29.46 -22.83 -3.61
C VAL A 224 -29.47 -21.92 -4.83
N ARG A 225 -28.67 -20.85 -4.80
CA ARG A 225 -28.53 -19.99 -5.98
C ARG A 225 -27.65 -20.67 -7.02
N GLY A 226 -26.46 -21.11 -6.62
CA GLY A 226 -25.51 -21.72 -7.53
C GLY A 226 -25.96 -23.06 -8.07
N ALA A 227 -26.84 -23.76 -7.35
CA ALA A 227 -27.34 -25.04 -7.85
C ALA A 227 -28.30 -24.83 -9.00
N THR A 228 -28.97 -23.67 -9.02
CA THR A 228 -29.94 -23.32 -10.06
C THR A 228 -29.26 -22.73 -11.29
N LEU A 229 -27.99 -22.36 -11.19
CA LEU A 229 -27.26 -21.79 -12.31
C LEU A 229 -26.99 -22.85 -13.37
N PRO A 230 -27.15 -22.51 -14.65
CA PRO A 230 -26.94 -23.49 -15.72
C PRO A 230 -25.47 -23.86 -15.85
N GLY A 231 -25.22 -25.14 -16.11
CA GLY A 231 -23.87 -25.64 -16.26
C GLY A 231 -23.08 -25.71 -14.97
N ALA A 232 -23.76 -25.81 -13.83
CA ALA A 232 -23.08 -25.87 -12.54
C ALA A 232 -22.59 -27.28 -12.24
N TRP A 233 -22.99 -28.27 -13.02
CA TRP A 233 -22.57 -29.64 -12.78
C TRP A 233 -21.10 -29.82 -13.09
N ARG A 234 -20.52 -28.94 -13.92
CA ARG A 234 -19.11 -29.07 -14.30
C ARG A 234 -18.22 -28.83 -13.08
N GLY A 235 -18.54 -27.81 -12.29
CA GLY A 235 -17.77 -27.52 -11.11
C GLY A 235 -17.88 -28.63 -10.07
N VAL A 236 -19.08 -29.22 -9.95
CA VAL A 236 -19.27 -30.33 -9.02
C VAL A 236 -18.50 -31.54 -9.51
N LEU A 237 -18.51 -31.77 -10.83
CA LEU A 237 -17.75 -32.87 -11.40
C LEU A 237 -16.26 -32.71 -11.10
N PHE A 238 -15.74 -31.50 -11.33
CA PHE A 238 -14.34 -31.24 -11.04
C PHE A 238 -14.06 -31.28 -9.54
N TYR A 239 -15.09 -31.08 -8.71
CA TYR A 239 -14.92 -31.07 -7.26
C TYR A 239 -14.88 -32.49 -6.69
N LEU A 240 -15.64 -33.41 -7.29
CA LEU A 240 -15.79 -34.75 -6.74
C LEU A 240 -15.23 -35.87 -7.60
N LYS A 241 -14.69 -35.57 -8.78
CA LYS A 241 -14.17 -36.63 -9.64
C LYS A 241 -12.98 -37.35 -9.00
N PRO A 242 -13.09 -38.64 -8.70
CA PRO A 242 -11.99 -39.34 -8.03
C PRO A 242 -10.81 -39.53 -8.97
N ASN A 243 -9.64 -39.08 -8.51
CA ASN A 243 -8.37 -39.29 -9.21
C ASN A 243 -7.45 -40.00 -8.22
N TRP A 244 -7.63 -41.32 -8.12
CA TRP A 244 -6.91 -42.08 -7.10
C TRP A 244 -5.41 -42.15 -7.33
N GLN A 245 -4.92 -41.76 -8.51
CA GLN A 245 -3.47 -41.79 -8.71
C GLN A 245 -2.79 -40.66 -7.96
N LYS A 246 -3.56 -39.68 -7.52
CA LYS A 246 -2.99 -38.58 -6.77
C LYS A 246 -2.67 -39.10 -5.39
N LEU A 247 -3.46 -40.07 -4.92
CA LEU A 247 -3.23 -40.64 -3.60
C LEU A 247 -1.88 -41.34 -3.57
N LEU A 248 -1.36 -41.73 -4.75
CA LEU A 248 -0.03 -42.36 -4.79
C LEU A 248 1.06 -41.34 -4.49
N GLU A 249 0.80 -40.07 -4.77
CA GLU A 249 1.75 -39.00 -4.48
C GLU A 249 1.77 -38.71 -2.98
N THR A 250 2.97 -38.65 -2.40
CA THR A 250 3.14 -38.43 -0.97
C THR A 250 2.84 -37.00 -0.56
N GLY A 251 2.56 -36.12 -1.52
CA GLY A 251 2.30 -34.72 -1.29
C GLY A 251 0.89 -34.45 -0.79
N VAL A 252 -0.11 -35.13 -1.36
CA VAL A 252 -1.49 -34.84 -1.00
C VAL A 252 -1.79 -35.22 0.45
N TRP A 253 -1.04 -36.17 1.02
CA TRP A 253 -1.23 -36.52 2.43
C TRP A 253 -0.75 -35.38 3.31
N ILE A 254 0.38 -34.77 2.95
CA ILE A 254 0.90 -33.63 3.69
C ILE A 254 -0.06 -32.45 3.54
N ASP A 255 -0.60 -32.26 2.34
CA ASP A 255 -1.57 -31.19 2.13
C ASP A 255 -2.80 -31.38 3.01
N ALA A 256 -3.31 -32.61 3.08
CA ALA A 256 -4.47 -32.89 3.92
C ALA A 256 -4.17 -32.69 5.40
N ALA A 257 -3.01 -33.19 5.86
CA ALA A 257 -2.63 -33.02 7.26
C ALA A 257 -2.55 -31.55 7.63
N ALA A 258 -1.80 -30.76 6.86
CA ALA A 258 -1.68 -29.34 7.15
C ALA A 258 -3.05 -28.65 7.13
N GLN A 259 -3.86 -28.96 6.12
CA GLN A 259 -5.17 -28.32 6.01
C GLN A 259 -6.03 -28.63 7.23
N ILE A 260 -6.07 -29.88 7.67
CA ILE A 260 -6.93 -30.20 8.81
C ILE A 260 -6.33 -29.68 10.11
N PHE A 261 -5.02 -29.44 10.15
CA PHE A 261 -4.43 -28.88 11.35
C PHE A 261 -4.80 -27.41 11.50
N PHE A 262 -4.55 -26.62 10.50
CA PHE A 262 -4.96 -25.27 10.69
C PHE A 262 -6.46 -25.31 10.89
N SER A 263 -7.19 -25.79 9.90
CA SER A 263 -8.64 -25.65 10.02
C SER A 263 -9.15 -26.00 11.43
N LEU A 264 -8.63 -27.08 12.01
CA LEU A 264 -9.02 -27.44 13.38
C LEU A 264 -8.43 -26.48 14.40
N GLY A 265 -7.21 -26.02 14.14
CA GLY A 265 -6.56 -25.03 14.97
C GLY A 265 -6.18 -25.36 16.41
N PRO A 266 -5.71 -26.59 16.70
CA PRO A 266 -5.25 -26.86 18.06
C PRO A 266 -3.91 -26.16 18.25
N GLY A 267 -3.49 -26.06 19.50
CA GLY A 267 -2.12 -25.66 19.73
C GLY A 267 -1.90 -24.16 19.71
N PHE A 268 -2.96 -23.36 19.72
CA PHE A 268 -2.91 -21.92 19.53
C PHE A 268 -3.30 -21.17 20.79
N GLY A 269 -3.92 -21.85 21.75
CA GLY A 269 -4.30 -21.28 23.01
C GLY A 269 -5.71 -20.78 22.99
N VAL A 270 -6.36 -20.80 21.82
CA VAL A 270 -7.75 -20.39 21.69
C VAL A 270 -8.65 -21.39 22.38
N LEU A 271 -8.50 -22.67 22.05
CA LEU A 271 -9.30 -23.71 22.70
C LEU A 271 -9.01 -23.78 24.19
N LEU A 272 -7.78 -23.48 24.60
CA LEU A 272 -7.45 -23.47 26.02
C LEU A 272 -8.27 -22.41 26.75
N ALA A 273 -8.30 -21.20 26.20
CA ALA A 273 -9.05 -20.11 26.82
C ALA A 273 -10.55 -20.37 26.77
N PHE A 274 -11.05 -20.83 25.62
CA PHE A 274 -12.48 -21.09 25.50
C PHE A 274 -12.92 -22.22 26.44
N ALA A 275 -12.06 -23.22 26.64
CA ALA A 275 -12.39 -24.32 27.54
C ALA A 275 -12.26 -23.92 29.00
N SER A 276 -11.36 -22.97 29.29
CA SER A 276 -11.14 -22.49 30.65
C SER A 276 -12.43 -22.00 31.30
N TYR A 277 -13.21 -21.20 30.56
CA TYR A 277 -14.49 -20.71 31.06
C TYR A 277 -15.61 -21.72 30.81
N ASN A 278 -15.72 -22.69 31.71
CA ASN A 278 -16.78 -23.69 31.57
C ASN A 278 -16.90 -24.45 32.90
N LYS A 279 -17.99 -25.22 33.00
CA LYS A 279 -18.24 -26.04 34.17
C LYS A 279 -17.23 -27.18 34.29
N PHE A 280 -16.84 -27.51 35.52
CA PHE A 280 -15.85 -28.56 35.71
C PHE A 280 -16.45 -29.92 35.39
N ASN A 281 -17.70 -30.15 35.75
CA ASN A 281 -18.31 -31.43 35.47
C ASN A 281 -18.93 -31.47 34.07
N ASN A 282 -18.82 -30.37 33.31
CA ASN A 282 -19.40 -30.33 31.98
C ASN A 282 -18.66 -31.29 31.05
N ASN A 283 -19.39 -31.91 30.13
CA ASN A 283 -18.76 -32.84 29.22
C ASN A 283 -17.92 -32.11 28.17
N CYS A 284 -16.74 -32.64 27.90
CA CYS A 284 -15.84 -32.09 26.90
C CYS A 284 -15.76 -32.95 25.64
N TYR A 285 -15.91 -34.26 25.80
CA TYR A 285 -15.82 -35.21 24.69
C TYR A 285 -16.83 -34.87 23.60
N GLN A 286 -18.12 -34.87 23.95
CA GLN A 286 -19.16 -34.61 22.97
C GLN A 286 -18.97 -33.25 22.32
N ASP A 287 -18.62 -32.23 23.11
CA ASP A 287 -18.40 -30.89 22.56
C ASP A 287 -17.35 -30.91 21.46
N ALA A 288 -16.13 -31.38 21.79
CA ALA A 288 -15.07 -31.42 20.80
C ALA A 288 -15.49 -32.22 19.56
N LEU A 289 -16.05 -33.41 19.78
CA LEU A 289 -16.47 -34.26 18.67
C LEU A 289 -17.43 -33.51 17.74
N VAL A 290 -18.57 -33.07 18.27
CA VAL A 290 -19.57 -32.38 17.43
C VAL A 290 -18.91 -31.21 16.72
N THR A 291 -18.19 -30.35 17.44
CA THR A 291 -17.72 -29.12 16.79
C THR A 291 -16.82 -29.46 15.62
N SER A 292 -15.87 -30.39 15.82
CA SER A 292 -14.95 -30.65 14.71
C SER A 292 -15.71 -31.23 13.53
N VAL A 293 -16.61 -32.19 13.79
CA VAL A 293 -17.31 -32.87 12.70
C VAL A 293 -18.14 -31.88 11.89
N VAL A 294 -18.75 -30.90 12.58
CA VAL A 294 -19.40 -29.79 11.88
C VAL A 294 -18.40 -28.98 11.08
N ASN A 295 -17.27 -28.59 11.67
CA ASN A 295 -16.26 -27.83 10.95
C ASN A 295 -15.84 -28.47 9.62
N CYS A 296 -15.66 -29.80 9.62
CA CYS A 296 -15.46 -30.53 8.37
C CYS A 296 -16.70 -30.52 7.48
N MET A 297 -17.89 -30.76 8.03
CA MET A 297 -19.05 -30.84 7.15
C MET A 297 -19.25 -29.50 6.45
N THR A 298 -19.06 -28.42 7.22
CA THR A 298 -19.24 -27.07 6.71
C THR A 298 -18.27 -26.79 5.58
N SER A 299 -17.00 -27.20 5.75
CA SER A 299 -16.07 -27.12 4.63
C SER A 299 -16.59 -27.90 3.43
N PHE A 300 -17.13 -29.10 3.68
CA PHE A 300 -17.58 -29.97 2.59
C PHE A 300 -18.69 -29.31 1.76
N VAL A 301 -19.68 -28.71 2.42
CA VAL A 301 -20.75 -28.06 1.66
C VAL A 301 -20.26 -26.75 1.06
N SER A 302 -19.34 -26.06 1.74
CA SER A 302 -18.75 -24.86 1.17
C SER A 302 -18.10 -25.17 -0.16
N GLY A 303 -17.49 -26.35 -0.28
CA GLY A 303 -16.95 -26.79 -1.55
C GLY A 303 -17.97 -26.71 -2.66
N PHE A 304 -19.19 -27.20 -2.40
CA PHE A 304 -20.26 -27.10 -3.39
C PHE A 304 -20.63 -25.65 -3.63
N VAL A 305 -20.75 -24.86 -2.56
CA VAL A 305 -21.10 -23.44 -2.70
C VAL A 305 -20.15 -22.74 -3.68
N ILE A 306 -18.86 -23.09 -3.63
CA ILE A 306 -17.89 -22.46 -4.52
C ILE A 306 -17.95 -23.08 -5.91
N PHE A 307 -17.91 -24.41 -6.00
CA PHE A 307 -17.73 -25.06 -7.29
C PHE A 307 -18.99 -25.07 -8.15
N THR A 308 -20.17 -24.85 -7.57
CA THR A 308 -21.35 -24.68 -8.42
C THR A 308 -21.23 -23.37 -9.19
N VAL A 309 -20.80 -22.31 -8.50
CA VAL A 309 -20.66 -21.00 -9.10
C VAL A 309 -19.50 -21.02 -10.09
N LEU A 310 -18.40 -21.68 -9.73
CA LEU A 310 -17.27 -21.78 -10.65
C LEU A 310 -17.61 -22.67 -11.85
N GLY A 311 -18.51 -23.65 -11.65
CA GLY A 311 -18.97 -24.45 -12.76
C GLY A 311 -19.80 -23.61 -13.72
N TYR A 312 -20.67 -22.76 -13.17
CA TYR A 312 -21.42 -21.82 -13.99
C TYR A 312 -20.48 -20.87 -14.73
N MET A 313 -19.40 -20.47 -14.06
CA MET A 313 -18.42 -19.57 -14.66
C MET A 313 -17.67 -20.27 -15.78
N ALA A 314 -17.41 -21.57 -15.64
CA ALA A 314 -16.75 -22.32 -16.68
C ALA A 314 -17.70 -22.54 -17.85
N GLU A 315 -19.00 -22.62 -17.58
CA GLU A 315 -19.98 -22.75 -18.65
C GLU A 315 -20.07 -21.46 -19.44
N MET A 316 -20.09 -20.30 -18.76
CA MET A 316 -20.15 -19.03 -19.46
C MET A 316 -18.89 -18.81 -20.30
N ARG A 317 -17.73 -19.18 -19.75
CA ARG A 317 -16.47 -19.22 -20.50
C ARG A 317 -16.40 -20.56 -21.21
N ASN A 318 -15.26 -21.25 -21.23
CA ASN A 318 -15.19 -22.54 -21.90
C ASN A 318 -14.48 -23.60 -21.05
N GLU A 319 -15.14 -24.01 -19.97
CA GLU A 319 -14.90 -25.27 -19.28
C GLU A 319 -13.52 -25.43 -18.63
N ASP A 320 -13.26 -26.66 -18.18
CA ASP A 320 -12.11 -27.06 -17.38
C ASP A 320 -11.96 -26.13 -16.19
N VAL A 321 -12.78 -26.35 -15.16
CA VAL A 321 -12.84 -25.45 -14.01
C VAL A 321 -11.46 -25.21 -13.40
N SER A 322 -10.53 -26.17 -13.58
CA SER A 322 -9.16 -25.95 -13.12
C SER A 322 -8.55 -24.73 -13.77
N GLU A 323 -8.89 -24.46 -15.04
CA GLU A 323 -8.35 -23.30 -15.73
C GLU A 323 -8.85 -22.00 -15.10
N VAL A 324 -10.14 -21.96 -14.74
CA VAL A 324 -10.73 -20.77 -14.13
C VAL A 324 -10.44 -20.68 -12.64
N ALA A 325 -9.95 -21.76 -12.04
CA ALA A 325 -9.64 -21.82 -10.62
C ALA A 325 -8.15 -22.12 -10.43
N LYS A 326 -7.34 -21.57 -11.33
CA LYS A 326 -5.89 -21.75 -11.25
C LYS A 326 -5.30 -21.07 -10.02
N ASP A 327 -5.62 -19.80 -9.82
CA ASP A 327 -5.07 -19.04 -8.70
C ASP A 327 -5.66 -19.51 -7.38
N ALA A 328 -4.79 -19.91 -6.46
CA ALA A 328 -5.18 -20.38 -5.14
C ALA A 328 -4.82 -19.29 -4.13
N GLY A 329 -5.70 -18.30 -4.02
CA GLY A 329 -5.48 -17.22 -3.08
C GLY A 329 -6.72 -16.35 -2.97
N PRO A 330 -6.53 -15.14 -2.47
CA PRO A 330 -7.68 -14.21 -2.37
C PRO A 330 -8.30 -13.89 -3.72
N SER A 331 -7.54 -14.02 -4.81
CA SER A 331 -8.08 -13.73 -6.14
C SER A 331 -9.22 -14.66 -6.52
N LEU A 332 -9.26 -15.85 -5.94
CA LEU A 332 -10.36 -16.77 -6.24
C LEU A 332 -11.69 -16.24 -5.71
N LEU A 333 -11.66 -15.44 -4.65
CA LEU A 333 -12.86 -14.87 -4.06
C LEU A 333 -13.14 -13.44 -4.50
N PHE A 334 -12.10 -12.60 -4.55
CA PHE A 334 -12.26 -11.18 -4.81
C PHE A 334 -12.40 -10.86 -6.29
N ILE A 335 -11.95 -11.76 -7.17
CA ILE A 335 -12.02 -11.51 -8.62
C ILE A 335 -12.96 -12.50 -9.30
N THR A 336 -12.57 -13.78 -9.32
CA THR A 336 -13.33 -14.79 -10.04
C THR A 336 -14.76 -14.90 -9.52
N TYR A 337 -14.92 -15.24 -8.24
CA TYR A 337 -16.25 -15.42 -7.68
C TYR A 337 -17.07 -14.13 -7.76
N ALA A 338 -16.43 -12.98 -7.53
CA ALA A 338 -17.14 -11.71 -7.62
C ALA A 338 -17.62 -11.45 -9.04
N GLU A 339 -16.76 -11.71 -10.01
CA GLU A 339 -17.16 -11.54 -11.40
C GLU A 339 -18.31 -12.49 -11.75
N ALA A 340 -18.34 -13.68 -11.15
CA ALA A 340 -19.46 -14.59 -11.37
C ALA A 340 -20.74 -14.09 -10.73
N ILE A 341 -20.65 -13.46 -9.55
CA ILE A 341 -21.85 -12.93 -8.89
C ILE A 341 -22.42 -11.76 -9.66
N ALA A 342 -21.56 -10.90 -10.23
CA ALA A 342 -22.03 -9.69 -10.90
C ALA A 342 -22.95 -10.02 -12.08
N ASN A 343 -22.80 -11.20 -12.69
CA ASN A 343 -23.58 -11.56 -13.86
C ASN A 343 -24.84 -12.35 -13.49
N MET A 344 -25.34 -12.19 -12.26
CA MET A 344 -26.52 -12.89 -11.78
C MET A 344 -27.59 -11.90 -11.32
N PRO A 345 -28.87 -12.27 -11.41
CA PRO A 345 -29.94 -11.40 -10.90
C PRO A 345 -29.80 -11.17 -9.40
N ALA A 346 -30.25 -9.99 -8.97
CA ALA A 346 -30.10 -9.52 -7.60
C ALA A 346 -28.63 -9.54 -7.18
N SER A 347 -27.77 -9.04 -8.09
CA SER A 347 -26.34 -9.07 -7.85
C SER A 347 -25.97 -8.28 -6.60
N THR A 348 -26.65 -7.15 -6.37
CA THR A 348 -26.40 -6.37 -5.16
C THR A 348 -26.61 -7.23 -3.92
N PHE A 349 -27.72 -7.97 -3.88
CA PHE A 349 -28.01 -8.86 -2.77
C PHE A 349 -26.90 -9.88 -2.54
N PHE A 350 -26.61 -10.71 -3.54
CA PHE A 350 -25.61 -11.76 -3.39
C PHE A 350 -24.20 -11.22 -3.17
N ALA A 351 -23.99 -9.93 -3.48
CA ALA A 351 -22.70 -9.31 -3.21
C ALA A 351 -22.65 -8.86 -1.75
N ILE A 352 -23.71 -8.19 -1.29
CA ILE A 352 -23.76 -7.74 0.09
C ILE A 352 -23.61 -8.95 1.01
N ILE A 353 -24.40 -9.99 0.76
CA ILE A 353 -24.36 -11.17 1.62
C ILE A 353 -23.05 -11.91 1.42
N PHE A 354 -22.40 -11.78 0.27
CA PHE A 354 -21.13 -12.49 0.07
C PHE A 354 -20.01 -11.84 0.86
N PHE A 355 -19.81 -10.52 0.69
CA PHE A 355 -18.75 -9.83 1.43
C PHE A 355 -19.07 -9.79 2.92
N LEU A 356 -20.34 -9.60 3.27
CA LEU A 356 -20.75 -9.69 4.66
C LEU A 356 -20.44 -11.07 5.20
N MET A 357 -20.64 -12.09 4.38
CA MET A 357 -20.29 -13.45 4.77
C MET A 357 -18.81 -13.56 5.06
N LEU A 358 -17.98 -13.03 4.16
CA LEU A 358 -16.53 -13.04 4.37
C LEU A 358 -16.13 -12.39 5.70
N ILE A 359 -16.65 -11.17 5.94
CA ILE A 359 -16.36 -10.46 7.19
C ILE A 359 -16.80 -11.28 8.40
N THR A 360 -18.00 -11.86 8.34
CA THR A 360 -18.51 -12.67 9.43
C THR A 360 -17.78 -14.00 9.56
N LEU A 361 -17.13 -14.44 8.48
CA LEU A 361 -16.26 -15.61 8.51
C LEU A 361 -14.99 -15.33 9.29
N GLY A 362 -14.46 -14.12 9.12
CA GLY A 362 -13.24 -13.67 9.76
C GLY A 362 -13.39 -13.23 11.21
N LEU A 363 -14.51 -12.59 11.53
CA LEU A 363 -14.65 -11.94 12.83
C LEU A 363 -14.55 -12.94 13.98
N ASP A 364 -15.25 -14.07 13.89
CA ASP A 364 -15.30 -14.96 15.05
C ASP A 364 -13.91 -15.49 15.36
N SER A 365 -13.16 -15.81 14.30
CA SER A 365 -11.80 -16.31 14.41
C SER A 365 -10.81 -15.30 14.97
N SER A 366 -10.92 -14.02 14.62
CA SER A 366 -10.01 -13.08 15.27
C SER A 366 -10.46 -12.76 16.70
N PHE A 367 -11.77 -12.83 16.96
CA PHE A 367 -12.29 -12.75 18.31
C PHE A 367 -11.53 -13.74 19.17
N ALA A 368 -11.55 -15.01 18.76
CA ALA A 368 -10.86 -16.04 19.54
C ALA A 368 -9.35 -15.80 19.54
N GLY A 369 -8.79 -15.53 18.36
CA GLY A 369 -7.38 -15.26 18.17
C GLY A 369 -6.83 -14.32 19.23
N LEU A 370 -7.57 -13.25 19.50
CA LEU A 370 -7.18 -12.33 20.55
C LEU A 370 -7.54 -12.88 21.93
N GLU A 371 -8.67 -13.59 22.02
CA GLU A 371 -9.16 -14.07 23.31
C GLU A 371 -8.12 -14.93 24.03
N GLY A 372 -7.46 -15.82 23.28
CA GLY A 372 -6.45 -16.67 23.90
C GLY A 372 -5.29 -15.89 24.49
N VAL A 373 -4.78 -14.92 23.73
CA VAL A 373 -3.65 -14.11 24.20
C VAL A 373 -4.05 -13.29 25.40
N ILE A 374 -5.20 -12.62 25.33
CA ILE A 374 -5.67 -11.80 26.45
C ILE A 374 -5.81 -12.65 27.71
N THR A 375 -6.43 -13.83 27.58
CA THR A 375 -6.56 -14.72 28.72
C THR A 375 -5.18 -15.10 29.27
N ALA A 376 -4.24 -15.41 28.38
CA ALA A 376 -2.90 -15.79 28.82
C ALA A 376 -2.22 -14.67 29.61
N VAL A 377 -2.22 -13.45 29.07
CA VAL A 377 -1.55 -12.33 29.74
C VAL A 377 -2.22 -12.02 31.08
N LEU A 378 -3.56 -12.02 31.11
CA LEU A 378 -4.24 -11.71 32.36
C LEU A 378 -4.00 -12.78 33.43
N ASP A 379 -3.86 -14.05 33.01
CA ASP A 379 -3.59 -15.13 33.94
C ASP A 379 -2.13 -15.23 34.36
N GLU A 380 -1.21 -14.71 33.54
CA GLU A 380 0.21 -14.74 33.86
C GLU A 380 0.64 -13.59 34.77
N PHE A 381 0.03 -12.43 34.63
CA PHE A 381 0.34 -11.27 35.48
C PHE A 381 -0.91 -10.86 36.27
N PRO A 382 -1.34 -11.69 37.21
CA PRO A 382 -2.55 -11.36 37.95
C PRO A 382 -2.26 -10.28 38.96
N HIS A 383 -3.22 -9.39 39.13
CA HIS A 383 -3.21 -8.30 40.09
C HIS A 383 -2.15 -7.26 39.72
N VAL A 384 -1.18 -7.62 38.88
CA VAL A 384 -0.48 -6.60 38.13
C VAL A 384 -1.26 -6.23 36.88
N TRP A 385 -2.01 -7.19 36.34
CA TRP A 385 -3.05 -7.01 35.33
C TRP A 385 -4.43 -7.32 35.93
N ALA A 386 -5.44 -7.30 35.05
CA ALA A 386 -6.86 -7.46 35.32
C ALA A 386 -7.41 -6.26 36.07
N LYS A 387 -6.58 -5.26 36.38
CA LYS A 387 -7.06 -4.01 36.96
C LYS A 387 -8.20 -3.42 36.14
N ARG A 388 -8.06 -3.41 34.82
CA ARG A 388 -9.17 -3.37 33.89
C ARG A 388 -8.86 -4.26 32.68
N ARG A 389 -9.91 -4.81 32.07
CA ARG A 389 -9.72 -5.63 30.89
C ARG A 389 -9.69 -4.77 29.64
N GLU A 390 -10.51 -3.72 29.63
CA GLU A 390 -10.61 -2.82 28.48
C GLU A 390 -9.26 -2.19 28.15
N ARG A 391 -8.44 -1.91 29.16
CA ARG A 391 -7.13 -1.32 28.90
C ARG A 391 -6.24 -2.26 28.09
N PHE A 392 -6.13 -3.52 28.53
CA PHE A 392 -5.30 -4.48 27.81
C PHE A 392 -5.87 -4.78 26.44
N VAL A 393 -7.19 -5.01 26.36
CA VAL A 393 -7.82 -5.31 25.07
C VAL A 393 -7.60 -4.16 24.10
N LEU A 394 -7.72 -2.92 24.58
CA LEU A 394 -7.44 -1.77 23.74
C LEU A 394 -5.99 -1.76 23.28
N ALA A 395 -5.05 -2.03 24.21
CA ALA A 395 -3.63 -2.03 23.84
C ALA A 395 -3.32 -3.13 22.82
N VAL A 396 -4.13 -4.19 22.80
CA VAL A 396 -3.91 -5.24 21.81
C VAL A 396 -4.50 -4.83 20.47
N VAL A 397 -5.75 -4.32 20.47
CA VAL A 397 -6.37 -3.94 19.20
C VAL A 397 -5.52 -2.88 18.51
N ILE A 398 -5.08 -1.87 19.28
CA ILE A 398 -4.24 -0.81 18.72
C ILE A 398 -2.91 -1.39 18.24
N THR A 399 -2.32 -2.28 19.04
CA THR A 399 -1.07 -2.91 18.63
C THR A 399 -1.23 -3.66 17.31
N CYS A 400 -2.35 -4.36 17.14
CA CYS A 400 -2.61 -5.04 15.88
C CYS A 400 -2.78 -4.06 14.73
N PHE A 401 -3.37 -2.88 14.98
CA PHE A 401 -3.50 -1.91 13.91
C PHE A 401 -2.13 -1.43 13.44
N PHE A 402 -1.26 -1.04 14.40
CA PHE A 402 0.08 -0.62 14.01
C PHE A 402 0.87 -1.78 13.43
N GLY A 403 0.54 -3.01 13.81
CA GLY A 403 1.19 -4.16 13.24
C GLY A 403 0.66 -4.52 11.87
N SER A 404 -0.47 -3.94 11.53
CA SER A 404 -1.13 -4.17 10.24
C SER A 404 -0.85 -3.03 9.28
N LEU A 405 -0.15 -1.99 9.72
CA LEU A 405 0.12 -0.87 8.80
C LEU A 405 1.05 -1.31 7.68
N VAL A 406 1.90 -2.32 7.93
CA VAL A 406 2.78 -2.83 6.89
C VAL A 406 1.98 -3.54 5.82
N THR A 407 0.84 -4.10 6.20
CA THR A 407 -0.03 -4.85 5.31
C THR A 407 -1.00 -3.93 4.58
N LEU A 408 -1.25 -2.74 5.11
CA LEU A 408 -2.18 -1.79 4.51
C LEU A 408 -1.52 -1.02 3.38
N THR A 409 -0.26 -1.31 3.07
CA THR A 409 0.46 -0.65 2.00
C THR A 409 -0.06 -1.12 0.64
N PHE A 410 0.46 -0.50 -0.42
CA PHE A 410 0.02 -0.88 -1.77
C PHE A 410 0.45 -2.31 -2.08
N GLY A 411 1.64 -2.72 -1.68
CA GLY A 411 2.06 -4.09 -1.87
C GLY A 411 1.83 -4.88 -0.60
N GLY A 412 0.67 -4.67 -0.01
CA GLY A 412 0.37 -5.29 1.26
C GLY A 412 0.06 -6.74 1.00
N ALA A 413 -0.57 -7.02 -0.13
CA ALA A 413 -0.91 -8.40 -0.42
C ALA A 413 0.36 -9.24 -0.48
N TYR A 414 1.46 -8.66 -0.99
CA TYR A 414 2.72 -9.39 -1.00
C TYR A 414 3.11 -9.83 0.41
N VAL A 415 3.04 -8.89 1.36
CA VAL A 415 3.38 -9.18 2.73
C VAL A 415 2.43 -10.23 3.31
N VAL A 416 1.16 -10.20 2.88
CA VAL A 416 0.21 -11.19 3.37
C VAL A 416 0.69 -12.59 3.04
N LYS A 417 1.03 -12.82 1.76
CA LYS A 417 1.55 -14.13 1.39
C LYS A 417 2.75 -14.47 2.25
N LEU A 418 3.70 -13.53 2.34
CA LEU A 418 4.93 -13.80 3.08
C LEU A 418 4.60 -14.21 4.51
N LEU A 419 3.70 -13.46 5.16
CA LEU A 419 3.36 -13.75 6.54
C LEU A 419 2.53 -15.03 6.66
N GLU A 420 1.67 -15.31 5.69
CA GLU A 420 0.78 -16.44 5.80
C GLU A 420 1.45 -17.79 5.57
N GLU A 421 2.50 -17.84 4.76
CA GLU A 421 3.10 -19.12 4.38
C GLU A 421 4.48 -19.39 4.96
N TYR A 422 5.31 -18.37 5.15
CA TYR A 422 6.69 -18.53 5.62
C TYR A 422 6.89 -18.29 7.10
N ALA A 423 5.95 -17.63 7.77
CA ALA A 423 6.12 -17.23 9.17
C ALA A 423 5.25 -18.04 10.11
N THR A 424 3.95 -17.77 10.15
CA THR A 424 3.08 -18.35 11.16
C THR A 424 3.03 -19.88 11.11
N GLY A 425 2.83 -20.46 9.93
CA GLY A 425 2.68 -21.90 9.80
C GLY A 425 3.70 -22.80 10.48
N PRO A 426 4.96 -22.77 10.05
CA PRO A 426 5.95 -23.66 10.68
C PRO A 426 6.17 -23.42 12.16
N ALA A 427 5.92 -22.19 12.64
CA ALA A 427 6.09 -21.93 14.07
C ALA A 427 4.92 -22.47 14.89
N VAL A 428 3.69 -22.33 14.37
CA VAL A 428 2.54 -22.91 15.06
C VAL A 428 2.64 -24.42 15.08
N LEU A 429 3.04 -25.02 13.96
CA LEU A 429 3.26 -26.46 13.92
C LEU A 429 4.34 -26.87 14.92
N THR A 430 5.41 -26.07 15.01
CA THR A 430 6.50 -26.37 15.94
C THR A 430 6.03 -26.36 17.39
N VAL A 431 5.39 -25.24 17.80
CA VAL A 431 4.95 -25.12 19.17
C VAL A 431 3.84 -26.12 19.48
N ALA A 432 3.04 -26.48 18.48
CA ALA A 432 2.05 -27.53 18.68
C ALA A 432 2.71 -28.87 18.96
N LEU A 433 3.81 -29.16 18.24
CA LEU A 433 4.55 -30.39 18.51
C LEU A 433 5.15 -30.38 19.90
N ILE A 434 5.73 -29.24 20.30
CA ILE A 434 6.34 -29.12 21.62
C ILE A 434 5.29 -29.31 22.72
N GLU A 435 4.11 -28.70 22.53
CA GLU A 435 3.04 -28.85 23.50
C GLU A 435 2.57 -30.30 23.57
N ALA A 436 2.34 -30.92 22.42
CA ALA A 436 1.88 -32.31 22.39
C ALA A 436 2.88 -33.24 23.07
N VAL A 437 4.18 -32.94 22.92
CA VAL A 437 5.21 -33.75 23.56
C VAL A 437 5.23 -33.49 25.05
N ALA A 438 5.08 -32.22 25.46
CA ALA A 438 5.17 -31.92 26.88
C ALA A 438 4.01 -32.58 27.62
N VAL A 439 2.80 -32.43 27.10
CA VAL A 439 1.65 -32.99 27.79
C VAL A 439 1.70 -34.52 27.72
N SER A 440 2.20 -35.08 26.62
CA SER A 440 2.15 -36.53 26.47
C SER A 440 3.35 -37.24 27.08
N TRP A 441 4.54 -36.64 27.00
CA TRP A 441 5.78 -37.31 27.38
C TRP A 441 6.44 -36.74 28.63
N PHE A 442 5.97 -35.62 29.16
CA PHE A 442 6.52 -35.01 30.36
C PHE A 442 5.54 -35.10 31.52
N TYR A 443 4.33 -34.55 31.33
CA TYR A 443 3.32 -34.61 32.39
C TYR A 443 2.86 -36.04 32.60
N GLY A 444 2.94 -36.86 31.55
CA GLY A 444 2.52 -38.25 31.62
C GLY A 444 1.13 -38.49 31.08
N ILE A 445 1.01 -39.44 30.16
CA ILE A 445 -0.29 -39.69 29.55
C ILE A 445 -1.19 -40.43 30.54
N THR A 446 -0.61 -41.21 31.45
CA THR A 446 -1.42 -41.92 32.43
C THR A 446 -2.10 -40.92 33.35
N GLN A 447 -1.35 -39.93 33.83
CA GLN A 447 -1.91 -38.91 34.70
C GLN A 447 -2.93 -38.06 33.94
N PHE A 448 -2.72 -37.86 32.64
CA PHE A 448 -3.69 -37.14 31.83
C PHE A 448 -4.99 -37.91 31.75
N CYS A 449 -4.90 -39.23 31.52
CA CYS A 449 -6.10 -40.07 31.49
C CYS A 449 -6.74 -40.09 32.87
N ARG A 450 -5.96 -39.86 33.92
CA ARG A 450 -6.51 -39.78 35.25
C ARG A 450 -7.26 -38.46 35.46
N ASP A 451 -6.74 -37.37 34.88
CA ASP A 451 -7.43 -36.08 34.99
C ASP A 451 -8.74 -36.10 34.22
N VAL A 452 -8.73 -36.67 33.00
CA VAL A 452 -9.98 -36.83 32.27
C VAL A 452 -10.92 -37.76 33.01
N LYS A 453 -10.36 -38.80 33.65
CA LYS A 453 -11.15 -39.73 34.43
C LYS A 453 -11.76 -39.05 35.66
N GLU A 454 -11.12 -37.99 36.15
CA GLU A 454 -11.65 -37.23 37.27
C GLU A 454 -12.74 -36.27 36.80
N MET A 455 -12.49 -35.58 35.69
CA MET A 455 -13.42 -34.60 35.18
C MET A 455 -14.66 -35.27 34.57
N LEU A 456 -14.44 -36.10 33.55
CA LEU A 456 -15.53 -36.74 32.84
C LEU A 456 -16.09 -37.96 33.56
N GLY A 457 -15.39 -38.48 34.56
CA GLY A 457 -15.83 -39.64 35.29
C GLY A 457 -15.34 -40.97 34.75
N PHE A 458 -14.71 -40.97 33.57
CA PHE A 458 -14.19 -42.20 32.99
C PHE A 458 -12.88 -41.94 32.28
N SER A 459 -11.99 -42.93 32.32
CA SER A 459 -10.70 -42.81 31.66
C SER A 459 -10.86 -42.91 30.13
N PRO A 460 -10.12 -42.11 29.37
CA PRO A 460 -10.23 -42.19 27.91
C PRO A 460 -9.78 -43.55 27.38
N GLY A 461 -10.37 -43.93 26.25
CA GLY A 461 -10.12 -45.23 25.64
C GLY A 461 -8.67 -45.40 25.21
N TRP A 462 -8.32 -46.66 24.90
CA TRP A 462 -6.98 -46.97 24.44
C TRP A 462 -6.68 -46.31 23.10
N PHE A 463 -7.71 -46.11 22.28
CA PHE A 463 -7.53 -45.46 20.98
C PHE A 463 -6.95 -44.06 21.15
N TRP A 464 -7.36 -43.38 22.22
CA TRP A 464 -6.90 -42.01 22.43
C TRP A 464 -5.55 -42.02 23.12
N ARG A 465 -5.32 -42.97 24.04
CA ARG A 465 -4.01 -43.02 24.67
C ARG A 465 -2.96 -43.30 23.59
N ILE A 466 -3.22 -44.30 22.74
CA ILE A 466 -2.29 -44.64 21.68
C ILE A 466 -2.21 -43.51 20.65
N CYS A 467 -3.22 -42.64 20.58
CA CYS A 467 -3.11 -41.51 19.66
C CYS A 467 -2.22 -40.41 20.23
N TRP A 468 -2.42 -40.06 21.50
CA TRP A 468 -1.59 -39.03 22.13
C TRP A 468 -0.14 -39.48 22.30
N VAL A 469 0.08 -40.76 22.56
CA VAL A 469 1.44 -41.22 22.83
C VAL A 469 2.29 -41.15 21.56
N ALA A 470 1.79 -41.68 20.46
CA ALA A 470 2.61 -41.83 19.26
C ALA A 470 2.02 -41.16 18.02
N ILE A 471 0.72 -41.30 17.80
CA ILE A 471 0.14 -40.91 16.52
C ILE A 471 0.19 -39.40 16.33
N SER A 472 -0.17 -38.63 17.35
CA SER A 472 -0.25 -37.18 17.20
C SER A 472 1.12 -36.54 17.05
N PRO A 473 2.13 -36.84 17.88
CA PRO A 473 3.44 -36.20 17.66
C PRO A 473 4.05 -36.54 16.32
N LEU A 474 3.84 -37.76 15.82
CA LEU A 474 4.32 -38.09 14.48
C LEU A 474 3.48 -37.35 13.43
N PHE A 475 2.22 -37.08 13.75
CA PHE A 475 1.35 -36.35 12.83
C PHE A 475 1.85 -34.93 12.62
N LEU A 476 2.26 -34.26 13.70
CA LEU A 476 2.82 -32.91 13.54
C LEU A 476 4.23 -32.97 12.96
N LEU A 477 5.01 -33.96 13.41
CA LEU A 477 6.39 -34.11 12.96
C LEU A 477 6.46 -34.25 11.44
N PHE A 478 5.51 -35.00 10.86
CA PHE A 478 5.48 -35.20 9.42
C PHE A 478 5.31 -33.88 8.69
N ILE A 479 4.40 -33.02 9.17
CA ILE A 479 4.15 -31.75 8.51
C ILE A 479 5.36 -30.83 8.64
N ILE A 480 5.90 -30.69 9.86
CA ILE A 480 7.07 -29.84 10.06
C ILE A 480 8.24 -30.28 9.17
N ALA A 481 8.57 -31.57 9.19
CA ALA A 481 9.68 -32.05 8.37
C ALA A 481 9.42 -31.83 6.88
N SER A 482 8.19 -32.08 6.44
CA SER A 482 7.83 -31.90 5.04
C SER A 482 7.97 -30.45 4.60
N PHE A 483 7.54 -29.51 5.45
CA PHE A 483 7.68 -28.10 5.09
C PHE A 483 9.14 -27.69 5.06
N LEU A 484 9.86 -27.98 6.14
CA LEU A 484 11.25 -27.55 6.27
C LEU A 484 12.13 -28.15 5.18
N MET A 485 11.77 -29.35 4.68
CA MET A 485 12.57 -30.00 3.64
C MET A 485 12.41 -29.31 2.30
N SER A 486 11.29 -28.65 2.05
CA SER A 486 11.08 -27.99 0.76
C SER A 486 10.05 -26.87 0.86
N PRO A 487 10.47 -25.67 1.28
CA PRO A 487 9.54 -24.52 1.32
C PRO A 487 9.07 -24.17 -0.08
N PRO A 488 7.77 -23.92 -0.23
CA PRO A 488 7.22 -23.63 -1.57
C PRO A 488 7.70 -22.29 -2.13
N GLN A 489 7.95 -22.29 -3.44
CA GLN A 489 8.34 -21.09 -4.17
C GLN A 489 7.15 -20.14 -4.28
N LEU A 490 7.26 -18.96 -3.69
CA LEU A 490 6.12 -18.05 -3.63
C LEU A 490 5.99 -17.23 -4.92
N ARG A 491 4.76 -17.09 -5.38
CA ARG A 491 4.44 -16.29 -6.57
C ARG A 491 3.06 -15.70 -6.38
N LEU A 492 2.89 -14.43 -6.75
CA LEU A 492 1.60 -13.75 -6.58
C LEU A 492 1.48 -12.64 -7.63
N PHE A 493 0.42 -12.72 -8.43
CA PHE A 493 0.10 -11.70 -9.44
C PHE A 493 1.27 -11.46 -10.40
N GLN A 494 1.65 -12.53 -11.10
CA GLN A 494 2.72 -12.48 -12.10
C GLN A 494 4.00 -11.89 -11.51
N TYR A 495 4.24 -12.15 -10.22
CA TYR A 495 5.40 -11.64 -9.52
C TYR A 495 5.96 -12.74 -8.64
N ASN A 496 7.17 -13.21 -8.97
CA ASN A 496 7.85 -14.23 -8.19
C ASN A 496 8.61 -13.57 -7.05
N TYR A 497 8.47 -14.12 -5.86
CA TYR A 497 9.13 -13.52 -4.72
C TYR A 497 10.65 -13.67 -4.84
N PRO A 498 11.41 -12.68 -4.40
CA PRO A 498 12.87 -12.79 -4.43
C PRO A 498 13.35 -14.00 -3.65
N TYR A 499 14.58 -14.42 -3.98
CA TYR A 499 15.14 -15.61 -3.35
C TYR A 499 15.40 -15.41 -1.86
N TRP A 500 15.55 -14.17 -1.40
CA TRP A 500 15.83 -13.94 0.01
C TRP A 500 14.55 -13.83 0.83
N SER A 501 13.39 -14.00 0.19
CA SER A 501 12.12 -13.90 0.90
C SER A 501 12.03 -14.94 1.99
N ILE A 502 12.57 -16.14 1.74
CA ILE A 502 12.49 -17.19 2.73
C ILE A 502 13.31 -16.83 3.95
N ILE A 503 14.38 -16.05 3.76
CA ILE A 503 15.20 -15.66 4.90
C ILE A 503 14.38 -14.72 5.76
N LEU A 504 13.63 -13.85 5.11
CA LEU A 504 12.77 -12.94 5.84
C LEU A 504 11.68 -13.74 6.52
N GLY A 505 11.11 -14.70 5.79
CA GLY A 505 10.11 -15.54 6.42
C GLY A 505 10.70 -16.26 7.63
N TYR A 506 11.90 -16.82 7.47
CA TYR A 506 12.51 -17.47 8.63
C TYR A 506 12.85 -16.46 9.71
N ALA A 507 13.18 -15.24 9.34
CA ALA A 507 13.47 -14.27 10.39
C ALA A 507 12.21 -14.03 11.19
N ILE A 508 11.09 -13.83 10.47
CA ILE A 508 9.84 -13.63 11.18
C ILE A 508 9.48 -14.93 11.89
N GLY A 509 9.78 -16.05 11.24
CA GLY A 509 9.50 -17.33 11.85
C GLY A 509 10.36 -17.54 13.09
N THR A 510 11.66 -17.30 12.96
CA THR A 510 12.55 -17.54 14.10
C THR A 510 12.32 -16.56 15.24
N SER A 511 11.96 -15.32 14.93
CA SER A 511 11.78 -14.34 15.99
C SER A 511 10.58 -14.66 16.87
N SER A 512 9.71 -15.60 16.46
CA SER A 512 8.54 -15.92 17.27
C SER A 512 8.88 -16.87 18.41
N PHE A 513 9.64 -17.94 18.14
CA PHE A 513 9.97 -18.92 19.18
C PHE A 513 11.39 -18.82 19.71
N ILE A 514 11.94 -17.61 19.83
CA ILE A 514 13.24 -17.45 20.50
C ILE A 514 13.07 -17.56 22.00
N CYS A 515 11.82 -17.45 22.47
CA CYS A 515 11.53 -17.36 23.88
C CYS A 515 11.50 -18.74 24.53
N ILE A 516 11.13 -19.78 23.78
CA ILE A 516 11.06 -21.07 24.45
C ILE A 516 12.49 -21.56 24.74
N PRO A 517 13.48 -21.48 23.79
CA PRO A 517 14.81 -21.98 24.16
C PRO A 517 15.53 -20.98 25.06
N THR A 518 15.26 -19.68 24.88
CA THR A 518 15.91 -18.71 25.75
C THR A 518 15.29 -18.71 27.14
N TYR A 519 14.04 -19.16 27.24
CA TYR A 519 13.39 -19.27 28.53
C TYR A 519 13.81 -20.57 29.22
N ILE A 520 13.97 -21.65 28.46
CA ILE A 520 14.53 -22.86 29.06
C ILE A 520 15.89 -22.56 29.63
N ALA A 521 16.72 -21.84 28.86
CA ALA A 521 18.02 -21.44 29.37
C ALA A 521 17.89 -20.45 30.52
N TYR A 522 16.86 -19.60 30.49
CA TYR A 522 16.63 -18.63 31.56
C TYR A 522 16.33 -19.31 32.89
N ARG A 523 15.31 -20.18 32.92
CA ARG A 523 14.96 -20.87 34.16
C ARG A 523 16.03 -21.87 34.55
N LEU A 524 16.67 -22.49 33.56
CA LEU A 524 17.74 -23.44 33.83
C LEU A 524 18.98 -22.73 34.37
N ILE A 525 19.13 -21.45 34.04
CA ILE A 525 20.27 -20.66 34.49
C ILE A 525 19.96 -19.85 35.75
N ILE A 526 18.70 -19.75 36.14
CA ILE A 526 18.31 -18.94 37.30
C ILE A 526 18.21 -19.84 38.53
N THR A 527 17.66 -21.04 38.37
CA THR A 527 17.45 -21.98 39.47
C THR A 527 18.79 -22.56 39.89
N PRO A 528 19.21 -22.38 41.14
CA PRO A 528 20.52 -22.91 41.61
C PRO A 528 20.66 -24.43 41.61
N GLY A 529 21.85 -24.87 42.02
CA GLY A 529 22.25 -26.26 42.12
C GLY A 529 22.66 -26.91 40.80
N THR A 530 22.72 -28.23 40.82
CA THR A 530 23.11 -29.00 39.64
C THR A 530 22.04 -28.95 38.55
N PHE A 531 22.49 -29.21 37.32
CA PHE A 531 21.58 -29.23 36.18
C PHE A 531 20.57 -30.38 36.26
N LYS A 532 20.92 -31.48 36.92
CA LYS A 532 19.95 -32.57 37.04
C LYS A 532 18.88 -32.19 38.05
N GLU A 533 19.26 -31.50 39.12
CA GLU A 533 18.29 -31.06 40.10
C GLU A 533 17.48 -29.90 39.57
N ARG A 534 18.10 -29.03 38.77
CA ARG A 534 17.35 -27.93 38.18
C ARG A 534 16.35 -28.42 37.15
N ILE A 535 16.74 -29.39 36.32
CA ILE A 535 15.75 -29.90 35.37
C ILE A 535 14.74 -30.81 36.05
N ILE A 536 15.04 -31.32 37.24
CA ILE A 536 14.05 -32.13 37.94
C ILE A 536 13.03 -31.24 38.64
N LYS A 537 13.49 -30.13 39.20
CA LYS A 537 12.57 -29.15 39.77
C LYS A 537 11.91 -28.31 38.69
N SER A 538 12.40 -28.40 37.45
CA SER A 538 11.84 -27.65 36.33
C SER A 538 10.89 -28.48 35.47
N ILE A 539 10.98 -29.80 35.51
CA ILE A 539 10.06 -30.62 34.72
C ILE A 539 8.85 -31.04 35.55
N THR A 540 9.05 -31.41 36.81
CA THR A 540 7.95 -31.82 37.66
C THR A 540 7.11 -30.63 38.13
N PRO A 541 5.79 -30.72 38.03
CA PRO A 541 4.91 -29.63 38.48
C PRO A 541 5.07 -29.30 39.95
N GLU A 542 4.58 -28.11 40.32
CA GLU A 542 4.65 -27.67 41.70
C GLU A 542 3.83 -28.61 42.57
N THR A 543 4.42 -29.05 43.69
CA THR A 543 3.75 -30.05 44.53
C THR A 543 2.48 -29.50 45.17
N PRO A 544 2.49 -28.33 45.85
CA PRO A 544 1.20 -27.89 46.40
C PRO A 544 0.24 -27.34 45.35
N GLU B 1 3.74 1.71 -17.93
CA GLU B 1 3.13 1.16 -19.13
C GLU B 1 3.67 1.84 -20.39
N VAL B 2 2.80 2.61 -21.06
CA VAL B 2 3.21 3.45 -22.18
C VAL B 2 4.18 4.52 -21.68
N GLN B 3 5.44 4.40 -22.06
CA GLN B 3 6.47 5.34 -21.64
C GLN B 3 7.18 5.92 -22.86
N LEU B 4 7.38 7.23 -22.85
CA LEU B 4 8.13 7.95 -23.88
C LEU B 4 9.31 8.63 -23.21
N GLN B 5 10.50 8.09 -23.39
CA GLN B 5 11.69 8.62 -22.74
C GLN B 5 12.49 9.42 -23.75
N GLN B 6 12.63 10.73 -23.50
CA GLN B 6 13.36 11.61 -24.37
C GLN B 6 14.82 11.71 -23.92
N SER B 7 15.59 12.56 -24.59
CA SER B 7 16.98 12.77 -24.22
C SER B 7 17.07 13.86 -23.15
N GLY B 8 18.26 14.01 -22.58
CA GLY B 8 18.48 15.00 -21.55
C GLY B 8 18.55 16.41 -22.07
N PRO B 9 18.87 17.35 -21.19
CA PRO B 9 18.97 18.76 -21.61
C PRO B 9 20.14 18.97 -22.55
N GLU B 10 20.01 19.98 -23.40
CA GLU B 10 21.03 20.30 -24.39
C GLU B 10 21.34 21.79 -24.37
N LEU B 11 22.63 22.11 -24.28
CA LEU B 11 23.16 23.46 -24.34
C LEU B 11 23.98 23.56 -25.62
N VAL B 12 23.52 24.35 -26.58
CA VAL B 12 24.17 24.41 -27.88
C VAL B 12 24.37 25.87 -28.28
N LYS B 13 25.48 26.11 -28.99
CA LYS B 13 25.78 27.45 -29.46
C LYS B 13 24.87 27.84 -30.61
N PRO B 14 24.50 29.12 -30.70
CA PRO B 14 23.66 29.59 -31.81
C PRO B 14 24.27 29.30 -33.17
N GLY B 15 23.42 28.87 -34.10
CA GLY B 15 23.82 28.56 -35.45
C GLY B 15 24.07 27.08 -35.71
N ALA B 16 24.22 26.29 -34.66
CA ALA B 16 24.45 24.85 -34.79
C ALA B 16 23.11 24.11 -34.92
N SER B 17 23.16 22.79 -34.83
CA SER B 17 21.99 21.94 -34.91
C SER B 17 21.96 21.03 -33.69
N VAL B 18 20.78 20.50 -33.39
CA VAL B 18 20.63 19.60 -32.24
C VAL B 18 19.55 18.57 -32.58
N LYS B 19 19.81 17.31 -32.21
CA LYS B 19 18.88 16.22 -32.43
C LYS B 19 18.40 15.67 -31.09
N ILE B 20 17.08 15.49 -30.97
CA ILE B 20 16.45 14.97 -29.76
C ILE B 20 15.81 13.63 -30.10
N SER B 21 16.00 12.65 -29.22
CA SER B 21 15.47 11.31 -29.39
C SER B 21 14.16 11.15 -28.64
N CYS B 22 13.53 9.98 -28.83
CA CYS B 22 12.24 9.70 -28.21
C CYS B 22 12.03 8.19 -28.27
N LYS B 23 12.43 7.50 -27.21
CA LYS B 23 12.29 6.05 -27.11
C LYS B 23 10.89 5.70 -26.59
N ALA B 24 10.16 4.92 -27.38
CA ALA B 24 8.79 4.56 -27.03
C ALA B 24 8.72 3.12 -26.54
N SER B 25 7.83 2.89 -25.59
CA SER B 25 7.61 1.54 -25.07
C SER B 25 6.20 1.46 -24.49
N GLY B 26 5.70 0.24 -24.36
CA GLY B 26 4.41 0.01 -23.75
C GLY B 26 3.24 -0.03 -24.70
N TYR B 27 3.48 0.07 -26.00
CA TYR B 27 2.41 0.02 -27.00
C TYR B 27 3.00 -0.39 -28.34
N THR B 28 2.11 -0.73 -29.27
CA THR B 28 2.53 -1.08 -30.62
C THR B 28 3.02 0.19 -31.32
N PHE B 29 4.33 0.30 -31.49
CA PHE B 29 4.95 1.52 -32.01
C PHE B 29 4.48 1.84 -33.43
N THR B 30 4.11 0.84 -34.21
CA THR B 30 3.72 1.05 -35.60
C THR B 30 2.25 1.40 -35.73
N ASP B 31 1.56 1.59 -34.60
CA ASP B 31 0.13 1.86 -34.58
C ASP B 31 -0.23 3.34 -34.47
N TYR B 32 0.65 4.17 -33.90
CA TYR B 32 0.30 5.56 -33.62
C TYR B 32 1.27 6.54 -34.27
N TYR B 33 0.72 7.68 -34.68
CA TYR B 33 1.50 8.83 -35.13
C TYR B 33 2.41 9.34 -34.00
N MET B 34 3.64 9.72 -34.36
CA MET B 34 4.54 10.33 -33.39
C MET B 34 4.64 11.84 -33.65
N ASN B 35 4.37 12.64 -32.62
CA ASN B 35 4.30 14.09 -32.76
C ASN B 35 5.38 14.78 -31.94
N TRP B 36 5.59 16.06 -32.24
CA TRP B 36 6.52 16.90 -31.49
C TRP B 36 5.89 18.25 -31.20
N VAL B 37 5.78 18.60 -29.92
CA VAL B 37 5.17 19.84 -29.48
C VAL B 37 6.24 20.70 -28.82
N LYS B 38 6.36 21.95 -29.27
CA LYS B 38 7.31 22.91 -28.73
C LYS B 38 6.61 23.78 -27.69
N GLN B 39 7.22 23.90 -26.51
CA GLN B 39 6.68 24.75 -25.45
C GLN B 39 7.76 25.73 -25.02
N SER B 40 7.52 27.01 -25.29
CA SER B 40 8.44 28.08 -24.92
C SER B 40 8.29 28.43 -23.44
N HIS B 41 9.29 29.12 -22.91
CA HIS B 41 9.29 29.50 -21.50
C HIS B 41 8.17 30.51 -21.27
N GLY B 42 7.12 30.10 -20.54
CA GLY B 42 6.03 30.99 -20.24
C GLY B 42 5.00 31.12 -21.34
N LYS B 43 5.16 30.40 -22.45
CA LYS B 43 4.24 30.45 -23.57
C LYS B 43 3.35 29.22 -23.60
N SER B 44 2.57 29.10 -24.66
CA SER B 44 1.62 28.02 -24.84
C SER B 44 2.27 26.88 -25.64
N LEU B 45 1.51 25.80 -25.82
CA LEU B 45 2.00 24.67 -26.58
C LEU B 45 1.95 25.00 -28.07
N GLU B 46 2.84 24.39 -28.85
CA GLU B 46 2.96 24.71 -30.26
C GLU B 46 3.32 23.46 -31.04
N TRP B 47 2.34 22.91 -31.75
CA TRP B 47 2.50 21.66 -32.48
C TRP B 47 3.48 21.86 -33.63
N ILE B 48 4.57 21.10 -33.62
CA ILE B 48 5.59 21.22 -34.67
C ILE B 48 5.21 20.38 -35.87
N GLY B 49 4.96 19.10 -35.67
CA GLY B 49 4.62 18.21 -36.76
C GLY B 49 4.64 16.78 -36.28
N ASN B 50 4.08 15.91 -37.13
CA ASN B 50 4.01 14.50 -36.82
C ASN B 50 4.80 13.69 -37.84
N ILE B 51 4.86 12.39 -37.61
CA ILE B 51 5.56 11.47 -38.49
C ILE B 51 4.93 10.08 -38.34
N ASN B 52 4.71 9.44 -39.49
CA ASN B 52 4.20 8.09 -39.55
C ASN B 52 5.35 7.11 -39.40
N PRO B 53 5.41 6.32 -38.32
CA PRO B 53 6.53 5.39 -38.10
C PRO B 53 6.67 4.29 -39.12
N ASN B 54 5.61 3.94 -39.86
CA ASN B 54 5.69 2.83 -40.79
C ASN B 54 6.60 3.15 -41.96
N ASN B 55 6.59 4.39 -42.43
CA ASN B 55 7.36 4.78 -43.59
C ASN B 55 8.06 6.12 -43.39
N GLY B 56 7.91 6.74 -42.22
CA GLY B 56 8.48 8.04 -41.97
C GLY B 56 7.65 9.14 -42.59
N GLY B 57 6.32 8.98 -42.58
CA GLY B 57 5.44 9.92 -43.23
C GLY B 57 5.31 11.22 -42.46
N THR B 58 6.21 12.16 -42.73
CA THR B 58 6.26 13.39 -41.96
C THR B 58 5.15 14.35 -42.40
N SER B 59 4.71 15.18 -41.47
CA SER B 59 3.74 16.24 -41.76
C SER B 59 4.07 17.42 -40.85
N TYR B 60 4.79 18.39 -41.40
CA TYR B 60 5.27 19.55 -40.66
C TYR B 60 4.24 20.68 -40.73
N ASN B 61 4.47 21.70 -39.90
CA ASN B 61 3.71 22.93 -39.90
C ASN B 61 4.37 23.95 -40.82
N GLN B 62 3.56 24.82 -41.43
CA GLN B 62 4.11 25.84 -42.33
C GLN B 62 5.08 26.74 -41.58
N LYS B 63 4.87 26.91 -40.28
CA LYS B 63 5.74 27.75 -39.46
C LYS B 63 7.06 27.06 -39.16
N PHE B 64 7.13 25.74 -39.32
CA PHE B 64 8.34 24.99 -39.04
C PHE B 64 8.92 24.33 -40.29
N LYS B 65 8.39 24.66 -41.47
CA LYS B 65 8.91 24.11 -42.71
C LYS B 65 10.33 24.59 -42.94
N GLY B 66 11.27 23.65 -42.95
CA GLY B 66 12.67 23.96 -43.09
C GLY B 66 13.37 24.25 -41.77
N LYS B 67 12.63 24.21 -40.67
CA LYS B 67 13.18 24.47 -39.34
C LYS B 67 13.44 23.18 -38.57
N ALA B 68 12.49 22.24 -38.63
CA ALA B 68 12.58 20.97 -37.92
C ALA B 68 12.53 19.83 -38.93
N THR B 69 13.27 18.76 -38.65
CA THR B 69 13.26 17.56 -39.49
C THR B 69 12.99 16.35 -38.61
N LEU B 70 11.88 15.66 -38.88
CA LEU B 70 11.46 14.51 -38.09
C LEU B 70 11.89 13.22 -38.78
N THR B 71 12.47 12.30 -38.01
CA THR B 71 12.82 10.98 -38.48
C THR B 71 12.31 9.94 -37.49
N VAL B 72 12.38 8.67 -37.89
CA VAL B 72 11.86 7.58 -37.09
C VAL B 72 12.65 6.32 -37.39
N ASP B 73 12.81 5.47 -36.38
CA ASP B 73 13.48 4.19 -36.51
C ASP B 73 12.61 3.08 -35.92
N LYS B 74 12.18 2.14 -36.78
CA LYS B 74 11.31 1.05 -36.35
C LYS B 74 12.10 -0.07 -35.67
N SER B 75 13.41 -0.17 -35.94
CA SER B 75 14.21 -1.24 -35.38
C SER B 75 14.31 -1.13 -33.87
N SER B 76 14.24 0.10 -33.34
CA SER B 76 14.32 0.34 -31.91
C SER B 76 13.13 1.14 -31.39
N THR B 77 12.14 1.39 -32.24
CA THR B 77 10.95 2.17 -31.91
C THR B 77 11.31 3.50 -31.28
N THR B 78 12.08 4.30 -32.02
CA THR B 78 12.57 5.57 -31.49
C THR B 78 12.45 6.66 -32.54
N ALA B 79 11.88 7.80 -32.14
CA ALA B 79 11.70 8.94 -33.02
C ALA B 79 12.78 9.98 -32.75
N TYR B 80 13.07 10.79 -33.77
CA TYR B 80 14.07 11.83 -33.63
C TYR B 80 13.59 13.12 -34.27
N MET B 81 14.03 14.25 -33.72
CA MET B 81 13.75 15.57 -34.27
C MET B 81 15.03 16.38 -34.29
N GLU B 82 15.40 16.90 -35.46
CA GLU B 82 16.60 17.71 -35.60
C GLU B 82 16.22 19.15 -35.90
N LEU B 83 16.90 20.08 -35.23
CA LEU B 83 16.68 21.51 -35.38
C LEU B 83 17.99 22.16 -35.85
N ARG B 84 17.93 22.88 -36.97
CA ARG B 84 19.06 23.61 -37.51
C ARG B 84 18.78 25.11 -37.42
N SER B 85 19.84 25.89 -37.59
CA SER B 85 19.79 27.35 -37.51
C SER B 85 19.16 27.79 -36.18
N LEU B 86 19.82 27.39 -35.09
CA LEU B 86 19.29 27.62 -33.76
C LEU B 86 19.48 29.07 -33.34
N THR B 87 18.42 29.66 -32.78
CA THR B 87 18.45 31.03 -32.27
C THR B 87 17.99 31.08 -30.83
N SER B 88 17.82 32.29 -30.28
CA SER B 88 17.40 32.42 -28.89
C SER B 88 15.96 31.95 -28.70
N GLU B 89 15.13 32.04 -29.75
CA GLU B 89 13.73 31.64 -29.63
C GLU B 89 13.59 30.12 -29.49
N ASP B 90 14.57 29.36 -29.97
CA ASP B 90 14.50 27.90 -29.91
C ASP B 90 14.82 27.36 -28.52
N SER B 91 15.36 28.18 -27.63
CA SER B 91 15.65 27.74 -26.27
C SER B 91 14.33 27.52 -25.53
N ALA B 92 13.82 26.29 -25.60
CA ALA B 92 12.53 25.97 -24.97
C ALA B 92 12.50 24.49 -24.66
N VAL B 93 11.38 24.05 -24.08
CA VAL B 93 11.19 22.65 -23.71
C VAL B 93 10.39 21.97 -24.79
N TYR B 94 10.95 20.90 -25.36
CA TYR B 94 10.34 20.16 -26.45
C TYR B 94 9.84 18.82 -25.96
N TYR B 95 8.62 18.45 -26.38
CA TYR B 95 8.01 17.18 -26.05
C TYR B 95 7.78 16.37 -27.32
N CYS B 96 7.77 15.05 -27.18
CA CYS B 96 7.34 14.13 -28.22
C CYS B 96 6.15 13.35 -27.68
N THR B 97 5.03 13.41 -28.39
CA THR B 97 3.79 12.84 -27.85
C THR B 97 3.12 11.92 -28.86
N ARG B 98 2.60 10.80 -28.34
CA ARG B 98 1.90 9.81 -29.14
C ARG B 98 0.51 10.33 -29.51
N SER B 99 0.03 9.91 -30.69
CA SER B 99 -1.32 10.33 -31.06
C SER B 99 -1.93 9.40 -32.08
N PRO B 100 -3.20 9.02 -31.94
CA PRO B 100 -3.87 8.21 -32.97
C PRO B 100 -4.19 9.02 -34.20
N VAL B 101 -4.83 8.42 -35.19
CA VAL B 101 -5.19 9.17 -36.39
C VAL B 101 -6.46 9.96 -36.16
N ARG B 102 -7.44 9.37 -35.48
CA ARG B 102 -8.71 10.03 -35.22
C ARG B 102 -9.41 9.36 -34.04
N PRO B 103 -9.83 10.12 -33.01
CA PRO B 103 -9.61 11.57 -32.91
C PRO B 103 -8.18 11.91 -32.49
N TYR B 104 -7.65 12.98 -33.10
CA TYR B 104 -6.25 13.35 -32.99
C TYR B 104 -5.94 14.02 -31.65
N TYR B 105 -5.88 13.21 -30.59
CA TYR B 105 -5.50 13.71 -29.28
C TYR B 105 -4.09 13.22 -28.94
N PHE B 106 -3.45 13.90 -27.98
CA PHE B 106 -2.11 13.53 -27.53
C PHE B 106 -2.23 12.77 -26.20
N ASP B 107 -2.37 11.44 -26.28
CA ASP B 107 -2.65 10.65 -25.09
C ASP B 107 -1.45 10.56 -24.16
N TYR B 108 -0.25 10.33 -24.68
CA TYR B 108 0.94 10.18 -23.85
C TYR B 108 2.06 11.10 -24.33
N TRP B 109 2.69 11.79 -23.39
CA TRP B 109 3.76 12.73 -23.67
C TRP B 109 5.09 12.24 -23.10
N GLY B 110 6.17 12.84 -23.59
CA GLY B 110 7.48 12.59 -23.02
C GLY B 110 7.77 13.52 -21.87
N GLN B 111 8.86 13.26 -21.16
CA GLN B 111 9.19 14.07 -20.00
C GLN B 111 9.69 15.47 -20.40
N GLY B 112 10.09 15.66 -21.63
CA GLY B 112 10.54 16.95 -22.10
C GLY B 112 12.05 17.04 -22.23
N THR B 113 12.50 18.03 -22.98
CA THR B 113 13.93 18.25 -23.22
C THR B 113 14.20 19.74 -23.14
N THR B 114 14.95 20.16 -22.12
CA THR B 114 15.25 21.57 -21.93
C THR B 114 16.38 21.96 -22.88
N LEU B 115 16.07 22.79 -23.87
CA LEU B 115 17.05 23.25 -24.83
C LEU B 115 17.44 24.69 -24.53
N THR B 116 18.75 24.94 -24.45
CA THR B 116 19.28 26.28 -24.22
C THR B 116 20.24 26.60 -25.36
N VAL B 117 19.89 27.61 -26.15
CA VAL B 117 20.71 28.06 -27.27
C VAL B 117 21.40 29.34 -26.82
N SER B 118 22.66 29.22 -26.41
CA SER B 118 23.43 30.37 -25.96
C SER B 118 24.90 30.04 -26.08
N SER B 119 25.72 31.07 -26.22
CA SER B 119 27.16 30.88 -26.33
C SER B 119 27.86 30.94 -24.98
N ALA B 120 27.10 31.06 -23.90
CA ALA B 120 27.70 31.14 -22.57
C ALA B 120 28.34 29.80 -22.19
N LYS B 121 29.49 29.89 -21.53
CA LYS B 121 30.23 28.69 -21.14
C LYS B 121 29.50 27.94 -20.03
N THR B 122 29.53 26.61 -20.11
CA THR B 122 28.94 25.76 -19.09
C THR B 122 29.71 25.96 -17.79
N THR B 123 29.10 26.67 -16.83
CA THR B 123 29.73 27.03 -15.56
C THR B 123 29.31 26.06 -14.48
N PRO B 124 30.27 25.47 -13.77
CA PRO B 124 29.95 24.57 -12.65
C PRO B 124 29.36 25.34 -11.49
N PRO B 125 28.33 24.78 -10.85
CA PRO B 125 27.67 25.48 -9.74
C PRO B 125 28.53 25.49 -8.49
N SER B 126 28.48 26.60 -7.76
CA SER B 126 29.18 26.72 -6.48
C SER B 126 28.17 26.39 -5.39
N VAL B 127 28.43 25.30 -4.67
CA VAL B 127 27.54 24.79 -3.65
C VAL B 127 28.04 25.25 -2.28
N TYR B 128 27.27 26.12 -1.63
CA TYR B 128 27.60 26.60 -0.31
C TYR B 128 26.48 26.23 0.65
N PRO B 129 26.78 25.56 1.76
CA PRO B 129 25.72 25.15 2.69
C PRO B 129 25.09 26.33 3.42
N LEU B 130 23.80 26.22 3.67
CA LEU B 130 23.02 27.22 4.40
C LEU B 130 22.45 26.54 5.65
N ALA B 131 23.27 26.49 6.71
CA ALA B 131 23.04 25.89 8.01
C ALA B 131 22.53 26.92 9.01
N PRO B 132 21.55 26.54 9.83
CA PRO B 132 21.08 27.44 10.88
C PRO B 132 22.20 27.78 11.85
N GLY B 133 22.16 28.99 12.39
CA GLY B 133 23.18 29.40 13.33
C GLY B 133 23.16 28.57 14.60
N CYS B 134 24.28 28.62 15.33
CA CYS B 134 24.42 27.90 16.58
C CYS B 134 23.80 28.63 17.76
N GLY B 135 23.25 29.82 17.54
CA GLY B 135 22.62 30.59 18.60
C GLY B 135 21.10 30.61 18.52
N ASP B 136 20.55 29.93 17.52
CA ASP B 136 19.11 29.88 17.35
C ASP B 136 18.46 29.00 18.41
N THR B 137 17.16 29.19 18.59
CA THR B 137 16.38 28.44 19.57
C THR B 137 15.79 27.23 18.87
N THR B 138 16.27 26.04 19.22
CA THR B 138 15.79 24.80 18.61
C THR B 138 14.38 24.49 19.13
N GLY B 139 13.38 24.75 18.30
CA GLY B 139 12.00 24.51 18.65
C GLY B 139 11.56 23.13 18.19
N SER B 140 10.30 23.01 17.74
CA SER B 140 9.82 21.73 17.26
C SER B 140 10.35 21.37 15.88
N SER B 141 10.85 22.36 15.13
CA SER B 141 11.38 22.10 13.80
C SER B 141 12.45 23.13 13.46
N VAL B 142 13.54 22.65 12.86
CA VAL B 142 14.64 23.47 12.37
C VAL B 142 14.56 23.53 10.86
N THR B 143 14.85 24.70 10.29
CA THR B 143 14.85 24.90 8.84
C THR B 143 16.28 24.99 8.32
N LEU B 144 16.66 24.03 7.50
CA LEU B 144 17.96 23.92 6.87
C LEU B 144 17.88 24.40 5.41
N GLY B 145 19.01 24.37 4.71
CA GLY B 145 19.01 24.78 3.31
C GLY B 145 20.40 24.79 2.73
N CYS B 146 20.45 24.78 1.40
CA CYS B 146 21.69 24.82 0.64
C CYS B 146 21.57 25.85 -0.48
N LEU B 147 22.71 26.41 -0.86
CA LEU B 147 22.77 27.52 -1.81
C LEU B 147 23.59 27.11 -3.04
N VAL B 148 23.07 27.45 -4.21
CA VAL B 148 23.75 27.18 -5.48
C VAL B 148 23.95 28.52 -6.17
N LYS B 149 25.20 28.86 -6.45
CA LYS B 149 25.53 30.15 -7.03
C LYS B 149 26.41 29.98 -8.26
N GLY B 150 26.03 30.67 -9.35
CA GLY B 150 26.83 30.74 -10.55
C GLY B 150 26.88 29.48 -11.38
N TYR B 151 25.94 29.31 -12.31
CA TYR B 151 25.97 28.15 -13.20
C TYR B 151 25.14 28.47 -14.43
N PHE B 152 25.40 27.71 -15.50
CA PHE B 152 24.72 27.91 -16.76
C PHE B 152 24.74 26.58 -17.51
N PRO B 153 23.63 26.19 -18.16
CA PRO B 153 22.33 26.88 -18.17
C PRO B 153 21.43 26.39 -17.04
N GLU B 154 20.12 26.54 -17.23
CA GLU B 154 19.16 26.07 -16.24
C GLU B 154 19.11 24.55 -16.25
N SER B 155 20.14 23.94 -15.67
CA SER B 155 20.21 22.47 -15.57
C SER B 155 20.89 22.14 -14.24
N VAL B 156 20.09 22.03 -13.18
CA VAL B 156 20.60 21.78 -11.84
C VAL B 156 19.55 20.99 -11.07
N THR B 157 20.00 20.14 -10.15
CA THR B 157 19.10 19.33 -9.34
C THR B 157 19.62 19.28 -7.91
N VAL B 158 18.84 19.80 -6.97
CA VAL B 158 19.23 19.84 -5.56
C VAL B 158 18.35 18.85 -4.79
N THR B 159 18.94 17.74 -4.36
CA THR B 159 18.26 16.72 -3.58
C THR B 159 18.70 16.79 -2.12
N TRP B 160 17.95 16.12 -1.25
CA TRP B 160 18.23 16.09 0.18
C TRP B 160 18.24 14.66 0.69
N ASN B 161 19.44 14.16 1.01
CA ASN B 161 19.64 12.81 1.56
C ASN B 161 19.02 11.73 0.67
N SER B 162 19.36 11.79 -0.62
CA SER B 162 18.87 10.81 -1.59
C SER B 162 17.35 10.77 -1.60
N GLY B 163 16.72 11.94 -1.43
CA GLY B 163 15.28 12.02 -1.47
C GLY B 163 14.56 11.42 -0.28
N SER B 164 15.14 11.52 0.92
CA SER B 164 14.52 11.00 2.13
C SER B 164 15.14 11.71 3.32
N LEU B 165 14.36 12.56 3.98
CA LEU B 165 12.97 12.80 3.59
C LEU B 165 12.82 14.19 2.99
N SER B 166 11.75 14.39 2.23
CA SER B 166 11.50 15.67 1.58
C SER B 166 10.03 16.02 1.63
N SER B 167 9.45 16.04 2.83
CA SER B 167 8.04 16.35 3.00
C SER B 167 7.84 17.82 3.38
N SER B 168 8.92 18.60 3.37
CA SER B 168 8.88 20.01 3.73
C SER B 168 9.96 20.80 3.00
N VAL B 169 10.47 20.30 1.87
CA VAL B 169 11.54 20.95 1.14
C VAL B 169 10.94 22.02 0.22
N HIS B 170 11.44 23.25 0.35
CA HIS B 170 11.03 24.35 -0.53
C HIS B 170 12.19 24.68 -1.45
N THR B 171 11.97 24.57 -2.76
CA THR B 171 13.00 24.87 -3.74
C THR B 171 12.66 26.17 -4.44
N PHE B 172 13.61 27.11 -4.45
CA PHE B 172 13.30 28.40 -5.04
C PHE B 172 13.81 28.49 -6.48
N PRO B 173 12.98 29.01 -7.38
CA PRO B 173 13.37 29.11 -8.78
C PRO B 173 14.67 29.90 -8.96
N ALA B 174 15.48 29.45 -9.92
CA ALA B 174 16.75 30.09 -10.19
C ALA B 174 16.53 31.46 -10.81
N LEU B 175 17.43 32.38 -10.51
CA LEU B 175 17.39 33.73 -11.06
C LEU B 175 18.64 33.98 -11.89
N LEU B 176 18.45 34.49 -13.10
CA LEU B 176 19.52 34.74 -14.05
C LEU B 176 20.02 36.17 -13.89
N GLN B 177 21.34 36.33 -13.81
CA GLN B 177 21.96 37.65 -13.69
C GLN B 177 23.39 37.57 -14.18
N SER B 178 23.78 38.54 -15.01
CA SER B 178 25.12 38.60 -15.59
C SER B 178 25.49 37.30 -16.30
N GLY B 179 24.50 36.63 -16.88
CA GLY B 179 24.70 35.40 -17.61
C GLY B 179 24.83 34.16 -16.76
N LEU B 180 24.67 34.26 -15.45
CA LEU B 180 24.79 33.11 -14.55
C LEU B 180 23.56 33.00 -13.68
N TYR B 181 23.14 31.77 -13.41
CA TYR B 181 21.97 31.50 -12.59
C TYR B 181 22.35 31.37 -11.12
N THR B 182 21.37 31.58 -10.25
CA THR B 182 21.58 31.45 -8.80
C THR B 182 20.27 31.02 -8.14
N MET B 183 20.30 29.92 -7.40
CA MET B 183 19.10 29.40 -6.76
C MET B 183 19.44 28.92 -5.35
N SER B 184 18.40 28.53 -4.62
CA SER B 184 18.55 28.06 -3.25
C SER B 184 17.44 27.07 -2.91
N SER B 185 17.70 26.24 -1.90
CA SER B 185 16.75 25.23 -1.44
C SER B 185 16.76 25.19 0.08
N SER B 186 15.63 24.76 0.66
CA SER B 186 15.49 24.67 2.12
C SER B 186 14.70 23.42 2.48
N VAL B 187 14.79 23.01 3.74
CA VAL B 187 14.08 21.82 4.21
C VAL B 187 13.80 21.96 5.70
N THR B 188 12.54 21.76 6.08
CA THR B 188 12.08 21.88 7.46
C THR B 188 12.03 20.50 8.11
N VAL B 189 13.02 20.19 8.94
CA VAL B 189 13.07 18.88 9.59
C VAL B 189 12.89 19.04 11.09
N PRO B 190 12.23 18.09 11.77
CA PRO B 190 12.02 18.22 13.23
C PRO B 190 13.33 18.25 14.00
N SER B 191 13.22 18.64 15.27
CA SER B 191 14.38 18.77 16.14
C SER B 191 14.81 17.45 16.78
N SER B 192 14.18 16.34 16.45
CA SER B 192 14.53 15.05 17.03
C SER B 192 15.36 14.19 16.07
N THR B 193 15.87 14.80 15.01
CA THR B 193 16.68 14.11 14.01
C THR B 193 17.85 14.97 13.57
N TRP B 194 18.05 16.14 14.19
CA TRP B 194 19.12 17.07 13.86
C TRP B 194 19.60 17.75 15.14
N PRO B 195 20.93 17.87 15.32
CA PRO B 195 21.91 17.36 14.36
C PRO B 195 22.39 15.95 14.66
N SER B 196 21.48 15.13 15.20
CA SER B 196 21.84 13.77 15.58
C SER B 196 22.28 12.95 14.38
N GLN B 197 21.38 12.78 13.41
CA GLN B 197 21.68 11.99 12.22
C GLN B 197 22.41 12.84 11.17
N THR B 198 22.57 12.27 9.97
CA THR B 198 23.28 12.89 8.87
C THR B 198 22.32 13.44 7.81
N VAL B 199 22.31 14.76 7.64
CA VAL B 199 21.50 15.43 6.63
C VAL B 199 22.45 16.10 5.65
N THR B 200 22.48 15.61 4.41
CA THR B 200 23.41 16.09 3.39
C THR B 200 22.66 16.44 2.11
N CYS B 201 22.88 17.65 1.58
CA CYS B 201 22.27 18.07 0.34
C CYS B 201 23.19 17.75 -0.84
N SER B 202 22.60 17.22 -1.91
CA SER B 202 23.34 16.87 -3.12
C SER B 202 22.96 17.83 -4.25
N VAL B 203 23.96 18.40 -4.90
CA VAL B 203 23.74 19.32 -6.01
C VAL B 203 24.36 18.74 -7.27
N ALA B 204 23.53 18.43 -8.25
CA ALA B 204 23.96 17.83 -9.51
C ALA B 204 23.80 18.84 -10.63
N HIS B 205 24.77 18.86 -11.54
CA HIS B 205 24.76 19.74 -12.71
C HIS B 205 24.99 18.92 -13.97
N PRO B 206 23.91 18.51 -14.63
CA PRO B 206 24.04 17.65 -15.83
C PRO B 206 24.74 18.34 -17.00
N ALA B 207 24.66 19.66 -17.09
CA ALA B 207 25.32 20.36 -18.20
C ALA B 207 26.83 20.25 -18.10
N SER B 208 27.36 20.37 -16.88
CA SER B 208 28.79 20.23 -16.67
C SER B 208 29.14 18.85 -16.12
N SER B 209 28.12 18.01 -15.88
CA SER B 209 28.29 16.66 -15.34
C SER B 209 29.06 16.69 -14.03
N THR B 210 28.72 17.63 -13.15
CA THR B 210 29.43 17.78 -11.88
C THR B 210 28.44 17.64 -10.73
N THR B 211 28.69 16.67 -9.85
CA THR B 211 27.82 16.41 -8.71
C THR B 211 28.62 16.68 -7.44
N VAL B 212 28.31 17.77 -6.75
CA VAL B 212 28.96 18.16 -5.51
C VAL B 212 27.96 17.96 -4.39
N ASP B 213 28.37 17.22 -3.35
CA ASP B 213 27.53 16.95 -2.20
C ASP B 213 28.11 17.67 -0.98
N LYS B 214 27.26 18.39 -0.26
CA LYS B 214 27.68 19.13 0.93
C LYS B 214 26.76 18.77 2.08
N LYS B 215 27.36 18.48 3.24
CA LYS B 215 26.62 18.15 4.44
C LYS B 215 26.44 19.38 5.30
N LEU B 216 25.25 19.51 5.90
CA LEU B 216 24.94 20.66 6.72
C LEU B 216 25.58 20.50 8.10
N GLU B 217 26.21 21.58 8.59
CA GLU B 217 26.84 21.57 9.90
C GLU B 217 26.48 22.85 10.65
N PRO B 218 25.86 22.75 11.84
CA PRO B 218 25.48 23.93 12.63
C PRO B 218 26.69 24.67 13.20
N ASP C 1 -5.37 28.96 -40.39
CA ASP C 1 -5.18 28.26 -39.12
C ASP C 1 -6.28 28.61 -38.13
N ILE C 2 -6.20 28.03 -36.93
CA ILE C 2 -7.22 28.17 -35.91
C ILE C 2 -6.60 28.87 -34.70
N VAL C 3 -7.34 29.82 -34.13
CA VAL C 3 -6.87 30.57 -32.97
C VAL C 3 -7.73 30.18 -31.78
N MET C 4 -7.16 29.39 -30.87
CA MET C 4 -7.83 29.01 -29.62
C MET C 4 -7.53 30.07 -28.58
N THR C 5 -8.55 30.87 -28.24
CA THR C 5 -8.37 32.02 -27.36
C THR C 5 -8.92 31.71 -25.97
N GLN C 6 -8.04 31.75 -24.96
CA GLN C 6 -8.43 31.64 -23.57
C GLN C 6 -8.34 33.05 -22.97
N SER C 7 -9.51 33.68 -22.80
CA SER C 7 -9.55 35.06 -22.33
C SER C 7 -8.96 35.21 -20.93
N HIS C 8 -9.33 34.31 -20.01
CA HIS C 8 -8.86 34.38 -18.63
C HIS C 8 -7.51 33.66 -18.51
N LYS C 9 -6.44 34.45 -18.38
CA LYS C 9 -5.11 33.87 -18.22
C LYS C 9 -4.94 33.27 -16.82
N PHE C 10 -5.62 33.83 -15.83
CA PHE C 10 -5.57 33.36 -14.45
C PHE C 10 -6.97 33.30 -13.89
N MET C 11 -7.25 32.27 -13.11
CA MET C 11 -8.54 32.14 -12.44
C MET C 11 -8.33 31.66 -11.01
N SER C 12 -9.06 32.27 -10.08
CA SER C 12 -8.96 31.94 -8.67
C SER C 12 -10.16 31.10 -8.25
N THR C 13 -9.90 30.10 -7.42
CA THR C 13 -10.96 29.23 -6.91
C THR C 13 -10.50 28.66 -5.56
N SER C 14 -11.44 28.04 -4.85
CA SER C 14 -11.16 27.45 -3.55
C SER C 14 -11.35 25.94 -3.61
N VAL C 15 -10.84 25.26 -2.60
CA VAL C 15 -10.94 23.80 -2.51
C VAL C 15 -12.39 23.42 -2.26
N GLY C 16 -13.02 22.79 -3.25
CA GLY C 16 -14.41 22.37 -3.15
C GLY C 16 -15.38 23.19 -3.99
N ASP C 17 -14.94 24.29 -4.57
CA ASP C 17 -15.79 25.13 -5.40
C ASP C 17 -15.89 24.56 -6.81
N ARG C 18 -16.87 25.06 -7.56
CA ARG C 18 -17.09 24.66 -8.94
C ARG C 18 -16.41 25.69 -9.84
N VAL C 19 -15.43 25.23 -10.62
CA VAL C 19 -14.66 26.12 -11.49
C VAL C 19 -14.84 25.69 -12.94
N SER C 20 -14.97 26.67 -13.83
CA SER C 20 -15.15 26.39 -15.25
C SER C 20 -14.25 27.30 -16.07
N ILE C 21 -13.51 26.71 -17.00
CA ILE C 21 -12.62 27.45 -17.89
C ILE C 21 -13.23 27.46 -19.28
N THR C 22 -13.22 28.62 -19.92
CA THR C 22 -13.78 28.79 -21.25
C THR C 22 -12.69 28.77 -22.31
N CYS C 23 -13.05 28.31 -23.50
CA CYS C 23 -12.16 28.24 -24.65
C CYS C 23 -12.91 28.72 -25.87
N LYS C 24 -12.36 29.73 -26.54
CA LYS C 24 -12.97 30.33 -27.73
C LYS C 24 -12.13 29.98 -28.95
N ALA C 25 -12.79 29.47 -29.99
CA ALA C 25 -12.12 29.07 -31.22
C ALA C 25 -12.38 30.09 -32.32
N SER C 26 -11.66 29.95 -33.42
CA SER C 26 -11.83 30.87 -34.54
C SER C 26 -13.12 30.58 -35.30
N GLN C 27 -13.23 29.39 -35.87
CA GLN C 27 -14.40 28.95 -36.61
C GLN C 27 -15.15 27.86 -35.85
N ASP C 28 -16.20 27.36 -36.48
CA ASP C 28 -17.01 26.28 -35.91
C ASP C 28 -16.22 24.98 -35.84
N VAL C 29 -16.32 24.29 -34.71
CA VAL C 29 -15.51 23.13 -34.41
C VAL C 29 -16.33 21.86 -34.25
N SER C 30 -17.65 21.96 -34.16
CA SER C 30 -18.54 20.85 -33.84
C SER C 30 -18.20 20.32 -32.45
N THR C 31 -17.60 19.14 -32.37
CA THR C 31 -17.21 18.54 -31.11
C THR C 31 -15.77 18.04 -31.17
N ALA C 32 -14.85 18.89 -31.61
CA ALA C 32 -13.45 18.50 -31.75
C ALA C 32 -12.58 19.36 -30.85
N VAL C 33 -12.74 19.22 -29.54
CA VAL C 33 -11.96 19.99 -28.57
C VAL C 33 -11.40 19.04 -27.52
N ALA C 34 -10.11 19.17 -27.23
CA ALA C 34 -9.42 18.37 -26.22
C ALA C 34 -8.89 19.28 -25.12
N TRP C 35 -8.97 18.81 -23.88
CA TRP C 35 -8.49 19.54 -22.71
C TRP C 35 -7.33 18.80 -22.07
N TYR C 36 -6.18 19.49 -21.94
CA TYR C 36 -4.96 18.96 -21.38
C TYR C 36 -4.63 19.68 -20.07
N GLN C 37 -4.05 18.94 -19.13
CA GLN C 37 -3.61 19.47 -17.85
C GLN C 37 -2.10 19.37 -17.73
N GLN C 38 -1.44 20.49 -17.44
CA GLN C 38 0.01 20.55 -17.27
C GLN C 38 0.35 21.09 -15.88
N LYS C 39 0.74 20.19 -14.99
CA LYS C 39 1.17 20.61 -13.66
C LYS C 39 2.55 21.24 -13.71
N PRO C 40 2.80 22.24 -12.87
CA PRO C 40 4.11 22.91 -12.86
C PRO C 40 5.28 21.95 -12.70
N GLY C 41 6.05 21.77 -13.77
CA GLY C 41 7.19 20.88 -13.74
C GLY C 41 6.97 19.52 -14.39
N GLN C 42 5.79 19.27 -14.94
CA GLN C 42 5.46 18.01 -15.57
C GLN C 42 5.04 18.24 -17.01
N SER C 43 4.92 17.15 -17.74
CA SER C 43 4.45 17.20 -19.11
C SER C 43 2.92 17.29 -19.13
N PRO C 44 2.35 17.88 -20.18
CA PRO C 44 0.88 17.94 -20.29
C PRO C 44 0.28 16.55 -20.22
N LYS C 45 -0.92 16.46 -19.64
CA LYS C 45 -1.63 15.20 -19.52
C LYS C 45 -3.02 15.37 -20.10
N LEU C 46 -3.37 14.49 -21.04
CA LEU C 46 -4.69 14.54 -21.67
C LEU C 46 -5.79 14.19 -20.69
N LEU C 47 -6.79 15.05 -20.60
CA LEU C 47 -7.95 14.82 -19.74
C LEU C 47 -9.23 14.62 -20.54
N ILE C 48 -9.57 15.53 -21.45
CA ILE C 48 -10.80 15.45 -22.21
C ILE C 48 -10.47 15.38 -23.69
N TYR C 49 -11.27 14.61 -24.44
CA TYR C 49 -11.15 14.55 -25.89
C TYR C 49 -12.56 14.54 -26.47
N SER C 50 -12.72 15.18 -27.63
CA SER C 50 -14.02 15.31 -28.29
C SER C 50 -15.04 15.97 -27.35
N ALA C 51 -14.74 17.22 -27.00
CA ALA C 51 -15.62 18.07 -26.20
C ALA C 51 -15.90 17.54 -24.79
N SER C 52 -16.59 16.41 -24.69
CA SER C 52 -17.11 15.94 -23.41
C SER C 52 -16.49 14.64 -22.92
N TYR C 53 -16.03 13.77 -23.81
CA TYR C 53 -15.55 12.46 -23.41
C TYR C 53 -14.28 12.54 -22.56
N ARG C 54 -14.25 11.75 -21.50
CA ARG C 54 -13.08 11.65 -20.63
C ARG C 54 -12.18 10.52 -21.11
N TYR C 55 -10.88 10.69 -20.88
CA TYR C 55 -9.90 9.67 -21.24
C TYR C 55 -9.74 8.68 -20.09
N THR C 56 -9.20 7.51 -20.41
CA THR C 56 -9.01 6.46 -19.41
C THR C 56 -7.99 6.91 -18.37
N GLY C 57 -8.31 6.70 -17.10
CA GLY C 57 -7.42 7.11 -16.04
C GLY C 57 -7.58 8.56 -15.64
N VAL C 58 -8.79 9.11 -15.78
CA VAL C 58 -9.09 10.48 -15.42
C VAL C 58 -10.21 10.48 -14.40
N PRO C 59 -10.06 11.16 -13.26
CA PRO C 59 -11.12 11.20 -12.26
C PRO C 59 -12.44 11.71 -12.82
N ASP C 60 -13.52 11.39 -12.12
CA ASP C 60 -14.86 11.75 -12.55
C ASP C 60 -15.19 13.23 -12.33
N ARG C 61 -14.36 13.93 -11.54
CA ARG C 61 -14.63 15.32 -11.23
C ARG C 61 -14.34 16.25 -12.41
N PHE C 62 -13.61 15.78 -13.42
CA PHE C 62 -13.32 16.59 -14.60
C PHE C 62 -14.36 16.31 -15.68
N THR C 63 -15.10 17.35 -16.08
CA THR C 63 -16.10 17.24 -17.14
C THR C 63 -15.80 18.23 -18.26
N GLY C 64 -16.58 18.09 -19.34
CA GLY C 64 -16.47 18.94 -20.51
C GLY C 64 -17.81 19.15 -21.21
N SER C 65 -18.03 20.34 -21.73
CA SER C 65 -19.28 20.66 -22.41
C SER C 65 -19.01 21.70 -23.49
N GLY C 66 -19.99 21.88 -24.36
CA GLY C 66 -19.89 22.84 -25.45
C GLY C 66 -20.09 22.16 -26.80
N SER C 67 -20.63 22.90 -27.78
CA SER C 67 -20.86 22.34 -29.10
C SER C 67 -20.92 23.49 -30.12
N GLY C 68 -19.79 23.75 -30.78
CA GLY C 68 -19.70 24.81 -31.75
C GLY C 68 -18.37 25.54 -31.74
N THR C 69 -18.29 26.70 -31.09
CA THR C 69 -17.06 27.47 -31.03
C THR C 69 -16.60 27.75 -29.61
N ASP C 70 -17.52 27.91 -28.67
CA ASP C 70 -17.20 28.15 -27.27
C ASP C 70 -17.35 26.85 -26.50
N PHE C 71 -16.32 26.46 -25.76
CA PHE C 71 -16.32 25.22 -25.02
C PHE C 71 -15.92 25.49 -23.57
N THR C 72 -16.36 24.60 -22.68
CA THR C 72 -16.16 24.78 -21.24
C THR C 72 -15.66 23.49 -20.60
N PHE C 73 -14.59 23.63 -19.82
CA PHE C 73 -14.02 22.55 -19.01
C PHE C 73 -14.37 22.82 -17.56
N THR C 74 -15.11 21.89 -16.94
CA THR C 74 -15.67 22.10 -15.62
C THR C 74 -15.06 21.13 -14.61
N ILE C 75 -14.67 21.66 -13.46
CA ILE C 75 -14.22 20.88 -12.33
C ILE C 75 -15.21 21.11 -11.19
N SER C 76 -15.77 20.02 -10.67
CA SER C 76 -16.78 20.09 -9.62
C SER C 76 -16.13 20.32 -8.25
N SER C 77 -15.29 19.39 -7.81
CA SER C 77 -14.62 19.49 -6.51
C SER C 77 -13.12 19.72 -6.73
N VAL C 78 -12.69 20.97 -6.52
CA VAL C 78 -11.29 21.34 -6.70
C VAL C 78 -10.48 20.82 -5.53
N GLN C 79 -9.42 20.07 -5.81
CA GLN C 79 -8.52 19.57 -4.79
C GLN C 79 -7.23 20.37 -4.76
N ALA C 80 -6.44 20.15 -3.71
CA ALA C 80 -5.17 20.86 -3.56
C ALA C 80 -4.17 20.45 -4.64
N GLU C 81 -4.26 19.23 -5.15
CA GLU C 81 -3.36 18.71 -6.17
C GLU C 81 -3.81 19.03 -7.58
N ASP C 82 -4.93 19.73 -7.73
CA ASP C 82 -5.45 20.16 -9.02
C ASP C 82 -4.80 21.45 -9.52
N LEU C 83 -3.82 21.96 -8.79
CA LEU C 83 -3.11 23.18 -9.15
C LEU C 83 -2.23 22.93 -10.37
N ALA C 84 -2.66 23.45 -11.52
CA ALA C 84 -1.92 23.27 -12.76
C ALA C 84 -2.40 24.29 -13.78
N VAL C 85 -1.71 24.33 -14.92
CA VAL C 85 -2.09 25.17 -16.04
C VAL C 85 -2.86 24.31 -17.04
N TYR C 86 -4.05 24.78 -17.42
CA TYR C 86 -4.93 24.01 -18.29
C TYR C 86 -4.93 24.60 -19.70
N TYR C 87 -4.84 23.72 -20.69
CA TYR C 87 -4.79 24.11 -22.09
C TYR C 87 -5.92 23.44 -22.87
N CYS C 88 -6.51 24.18 -23.81
CA CYS C 88 -7.47 23.62 -24.76
C CYS C 88 -6.85 23.58 -26.16
N GLN C 89 -7.24 22.57 -26.93
CA GLN C 89 -6.64 22.33 -28.23
C GLN C 89 -7.66 21.75 -29.19
N GLN C 90 -7.75 22.31 -30.40
CA GLN C 90 -8.65 21.78 -31.42
C GLN C 90 -7.99 20.62 -32.15
N HIS C 91 -8.79 19.62 -32.52
CA HIS C 91 -8.25 18.45 -33.21
C HIS C 91 -9.08 18.08 -34.44
N TYR C 92 -9.41 19.07 -35.28
CA TYR C 92 -10.12 18.78 -36.53
C TYR C 92 -9.30 19.21 -37.73
N SER C 93 -8.89 20.47 -37.81
CA SER C 93 -8.20 21.01 -38.97
C SER C 93 -6.70 21.01 -38.73
N ILE C 94 -5.95 20.85 -39.81
CA ILE C 94 -4.49 20.95 -39.77
C ILE C 94 -4.09 22.40 -39.99
N PRO C 95 -3.22 22.98 -39.15
CA PRO C 95 -2.59 22.30 -38.00
C PRO C 95 -3.40 22.39 -36.71
N ARG C 96 -3.03 21.53 -35.76
CA ARG C 96 -3.64 21.51 -34.44
C ARG C 96 -3.03 22.63 -33.58
N THR C 97 -3.86 23.55 -33.11
CA THR C 97 -3.41 24.68 -32.31
C THR C 97 -3.88 24.55 -30.87
N PHE C 98 -3.26 25.33 -29.98
CA PHE C 98 -3.57 25.31 -28.56
C PHE C 98 -4.05 26.69 -28.09
N GLY C 99 -4.57 26.71 -26.86
CA GLY C 99 -4.99 27.94 -26.22
C GLY C 99 -3.86 28.62 -25.48
N GLY C 100 -4.14 29.82 -24.99
CA GLY C 100 -3.14 30.58 -24.25
C GLY C 100 -2.73 29.92 -22.96
N GLY C 101 -3.67 29.26 -22.29
CA GLY C 101 -3.42 28.61 -21.01
C GLY C 101 -4.01 29.38 -19.85
N THR C 102 -4.70 28.68 -18.94
CA THR C 102 -5.33 29.28 -17.77
C THR C 102 -4.74 28.68 -16.49
N LYS C 103 -3.82 29.40 -15.84
CA LYS C 103 -3.23 28.92 -14.60
C LYS C 103 -4.25 29.04 -13.48
N LEU C 104 -4.76 27.91 -12.99
CA LEU C 104 -5.80 27.91 -11.97
C LEU C 104 -5.14 28.02 -10.60
N GLU C 105 -5.21 29.21 -10.01
CA GLU C 105 -4.67 29.45 -8.68
C GLU C 105 -5.75 29.22 -7.63
N ILE C 106 -5.35 28.64 -6.49
CA ILE C 106 -6.28 28.28 -5.43
C ILE C 106 -6.29 29.36 -4.36
N LYS C 107 -7.50 29.79 -3.99
CA LYS C 107 -7.72 30.82 -2.98
C LYS C 107 -8.02 30.15 -1.65
N ARG C 108 -7.36 30.61 -0.58
CA ARG C 108 -7.59 30.04 0.74
C ARG C 108 -7.44 31.15 1.79
N ALA C 109 -7.45 30.75 3.06
CA ALA C 109 -7.29 31.67 4.17
C ALA C 109 -5.84 32.13 4.27
N ASP C 110 -5.64 33.21 5.01
CA ASP C 110 -4.30 33.77 5.17
C ASP C 110 -3.43 32.86 6.02
N ALA C 111 -2.11 32.99 5.83
CA ALA C 111 -1.13 32.20 6.56
C ALA C 111 0.05 33.11 6.93
N ALA C 112 0.58 32.90 8.12
CA ALA C 112 1.69 33.71 8.61
C ALA C 112 3.01 33.25 8.00
N PRO C 113 3.74 34.12 7.29
CA PRO C 113 5.01 33.72 6.68
C PRO C 113 6.12 33.48 7.68
N THR C 114 6.49 32.21 7.87
CA THR C 114 7.63 31.87 8.70
C THR C 114 8.92 32.41 8.06
N VAL C 115 9.53 33.39 8.70
CA VAL C 115 10.74 34.04 8.21
C VAL C 115 11.94 33.43 8.92
N SER C 116 12.97 33.05 8.15
CA SER C 116 14.17 32.44 8.71
C SER C 116 15.40 33.03 8.05
N ILE C 117 16.27 33.67 8.84
CA ILE C 117 17.48 34.30 8.33
C ILE C 117 18.65 33.35 8.54
N PHE C 118 19.62 33.39 7.62
CA PHE C 118 20.74 32.46 7.63
C PHE C 118 22.05 33.19 7.35
N PRO C 119 23.05 32.96 8.20
CA PRO C 119 24.39 33.54 8.01
C PRO C 119 25.20 32.81 6.97
N PRO C 120 26.10 33.51 6.27
CA PRO C 120 26.97 32.87 5.29
C PRO C 120 27.83 31.80 5.95
N SER C 121 27.88 30.63 5.32
CA SER C 121 28.64 29.49 5.83
C SER C 121 30.14 29.72 5.69
N SER C 122 30.91 28.85 6.36
CA SER C 122 32.36 28.96 6.33
C SER C 122 32.94 28.56 4.98
N GLU C 123 32.29 27.64 4.25
CA GLU C 123 32.82 27.26 2.94
C GLU C 123 32.78 28.45 1.99
N GLN C 124 31.77 29.32 2.14
CA GLN C 124 31.68 30.49 1.30
C GLN C 124 32.64 31.57 1.78
N LEU C 125 32.88 31.65 3.09
CA LEU C 125 33.85 32.63 3.54
C LEU C 125 35.24 32.19 3.10
N THR C 126 35.42 30.88 2.95
CA THR C 126 36.69 30.34 2.46
C THR C 126 36.86 30.72 1.00
N SER C 127 35.77 30.64 0.23
CA SER C 127 35.85 31.00 -1.19
C SER C 127 36.01 32.50 -1.37
N GLY C 128 35.54 33.29 -0.40
CA GLY C 128 35.66 34.74 -0.43
C GLY C 128 34.38 35.50 -0.74
N GLY C 129 33.26 35.06 -0.19
CA GLY C 129 31.99 35.75 -0.36
C GLY C 129 31.10 35.47 0.84
N ALA C 130 30.02 36.25 0.94
CA ALA C 130 29.11 36.06 2.07
C ALA C 130 27.73 36.57 1.72
N SER C 131 26.73 35.69 1.75
CA SER C 131 25.37 36.05 1.40
C SER C 131 24.41 35.72 2.53
N VAL C 132 23.78 36.74 3.11
CA VAL C 132 22.77 36.54 4.13
C VAL C 132 21.46 36.19 3.44
N VAL C 133 20.79 35.14 3.91
CA VAL C 133 19.59 34.64 3.23
C VAL C 133 18.38 34.82 4.14
N CYS C 134 17.26 35.26 3.56
CA CYS C 134 16.02 35.43 4.32
C CYS C 134 14.90 34.65 3.62
N PHE C 135 14.48 33.55 4.23
CA PHE C 135 13.45 32.68 3.68
C PHE C 135 12.08 33.04 4.25
N LEU C 136 11.06 33.01 3.39
CA LEU C 136 9.67 33.25 3.79
C LEU C 136 8.85 32.04 3.35
N ASN C 137 8.45 31.22 4.31
CA ASN C 137 7.79 29.94 4.05
C ASN C 137 6.34 29.95 4.51
N ASN C 138 5.49 29.26 3.76
CA ASN C 138 4.10 29.00 4.14
C ASN C 138 3.31 30.26 4.47
N PHE C 139 2.89 30.99 3.44
CA PHE C 139 2.04 32.16 3.64
C PHE C 139 1.08 32.27 2.47
N TYR C 140 0.09 33.15 2.63
CA TYR C 140 -0.91 33.35 1.59
C TYR C 140 -1.59 34.68 1.87
N PRO C 141 -1.81 35.52 0.85
CA PRO C 141 -1.48 35.21 -0.55
C PRO C 141 -0.04 35.54 -0.96
N LYS C 142 0.15 35.71 -2.27
CA LYS C 142 1.49 35.94 -2.80
C LYS C 142 2.03 37.32 -2.43
N ASP C 143 1.17 38.33 -2.39
CA ASP C 143 1.59 39.69 -2.08
C ASP C 143 2.18 39.81 -0.68
N ILE C 144 3.47 40.12 -0.59
CA ILE C 144 4.14 40.26 0.70
C ILE C 144 5.39 41.11 0.50
N ASN C 145 5.64 42.01 1.44
CA ASN C 145 6.79 42.90 1.40
C ASN C 145 7.96 42.32 2.18
N VAL C 146 9.17 42.52 1.65
CA VAL C 146 10.40 42.07 2.30
C VAL C 146 11.35 43.25 2.41
N LYS C 147 11.76 43.58 3.63
CA LYS C 147 12.66 44.69 3.90
C LYS C 147 13.93 44.17 4.57
N TRP C 148 15.08 44.62 4.09
CA TRP C 148 16.38 44.22 4.63
C TRP C 148 16.96 45.30 5.53
N LYS C 149 17.79 44.86 6.48
CA LYS C 149 18.43 45.75 7.44
C LYS C 149 19.82 45.18 7.78
N ILE C 150 20.88 45.81 7.28
CA ILE C 150 22.22 45.33 7.61
C ILE C 150 22.55 45.61 9.07
N ASP C 151 22.48 46.87 9.47
CA ASP C 151 22.71 47.29 10.85
C ASP C 151 21.70 48.38 11.23
N GLY C 152 20.41 48.09 10.97
CA GLY C 152 19.36 49.05 11.22
C GLY C 152 18.97 49.89 10.02
N SER C 153 19.86 50.03 9.05
CA SER C 153 19.60 50.79 7.84
C SER C 153 18.95 49.87 6.80
N GLU C 154 17.91 50.38 6.15
CA GLU C 154 17.18 49.60 5.15
C GLU C 154 18.11 49.32 3.97
N ARG C 155 18.56 48.08 3.85
CA ARG C 155 19.40 47.65 2.75
C ARG C 155 18.55 47.27 1.55
N GLN C 156 18.92 47.77 0.38
CA GLN C 156 18.16 47.54 -0.84
C GLN C 156 18.98 47.00 -2.01
N ASN C 157 20.30 47.18 -2.02
CA ASN C 157 21.14 46.68 -3.10
C ASN C 157 21.59 45.26 -2.81
N GLY C 158 21.56 44.43 -3.84
CA GLY C 158 21.94 43.04 -3.73
C GLY C 158 20.85 42.13 -3.19
N VAL C 159 19.60 42.56 -3.25
CA VAL C 159 18.46 41.79 -2.75
C VAL C 159 17.70 41.22 -3.94
N LEU C 160 17.51 39.90 -3.94
CA LEU C 160 16.76 39.22 -5.00
C LEU C 160 15.62 38.45 -4.38
N ASN C 161 14.40 38.76 -4.81
CA ASN C 161 13.19 38.09 -4.33
C ASN C 161 12.78 37.03 -5.34
N SER C 162 12.59 35.80 -4.87
CA SER C 162 12.20 34.69 -5.74
C SER C 162 10.91 34.07 -5.19
N TRP C 163 9.82 34.26 -5.91
CA TRP C 163 8.53 33.67 -5.55
C TRP C 163 8.38 32.32 -6.26
N THR C 164 8.03 31.30 -5.49
CA THR C 164 7.77 29.99 -6.06
C THR C 164 6.32 29.91 -6.53
N ASP C 165 6.00 28.83 -7.24
CA ASP C 165 4.62 28.60 -7.61
C ASP C 165 3.85 28.12 -6.39
N GLN C 166 2.53 28.20 -6.49
CA GLN C 166 1.68 27.79 -5.38
C GLN C 166 1.91 26.31 -5.07
N ASP C 167 1.59 25.92 -3.84
CA ASP C 167 1.82 24.56 -3.38
C ASP C 167 0.62 23.69 -3.76
N SER C 168 0.87 22.39 -3.92
CA SER C 168 -0.16 21.45 -4.32
C SER C 168 -0.63 20.57 -3.18
N LYS C 169 -0.29 20.92 -1.94
CA LYS C 169 -0.68 20.19 -0.75
C LYS C 169 -1.50 21.05 0.20
N ASP C 170 -1.01 22.25 0.51
CA ASP C 170 -1.71 23.16 1.42
C ASP C 170 -1.97 24.52 0.79
N SER C 171 -1.55 24.71 -0.47
CA SER C 171 -1.76 25.95 -1.22
C SER C 171 -1.17 27.17 -0.50
N THR C 172 0.13 27.11 -0.24
CA THR C 172 0.82 28.21 0.41
C THR C 172 2.05 28.61 -0.39
N TYR C 173 2.16 29.90 -0.70
CA TYR C 173 3.32 30.41 -1.44
C TYR C 173 4.55 30.46 -0.54
N SER C 174 5.71 30.57 -1.18
CA SER C 174 6.98 30.69 -0.48
C SER C 174 7.92 31.50 -1.35
N MET C 175 8.73 32.35 -0.72
CA MET C 175 9.66 33.21 -1.44
C MET C 175 10.99 33.26 -0.71
N SER C 176 12.04 33.66 -1.45
CA SER C 176 13.38 33.77 -0.88
C SER C 176 13.96 35.12 -1.23
N SER C 177 14.32 35.89 -0.21
CA SER C 177 14.99 37.17 -0.36
C SER C 177 16.47 36.97 -0.08
N THR C 178 17.32 37.24 -1.07
CA THR C 178 18.76 37.01 -0.96
C THR C 178 19.52 38.34 -0.90
N LEU C 179 20.38 38.47 0.11
CA LEU C 179 21.27 39.62 0.26
C LEU C 179 22.69 39.13 0.03
N THR C 180 23.21 39.36 -1.18
CA THR C 180 24.54 38.89 -1.55
C THR C 180 25.57 39.98 -1.30
N LEU C 181 26.57 39.68 -0.47
CA LEU C 181 27.61 40.66 -0.13
C LEU C 181 28.98 40.00 -0.16
N THR C 182 30.00 40.85 -0.07
CA THR C 182 31.39 40.39 -0.06
C THR C 182 31.80 39.96 1.35
N LYS C 183 32.92 39.23 1.41
CA LYS C 183 33.44 38.77 2.69
C LYS C 183 33.96 39.93 3.52
N ASP C 184 34.70 40.85 2.88
CA ASP C 184 35.25 42.01 3.58
C ASP C 184 34.15 42.84 4.23
N GLU C 185 33.03 43.01 3.54
CA GLU C 185 31.93 43.78 4.13
C GLU C 185 31.20 42.96 5.18
N TYR C 186 31.18 41.63 5.03
CA TYR C 186 30.52 40.79 6.02
C TYR C 186 31.28 40.80 7.34
N GLU C 187 32.62 40.86 7.30
CA GLU C 187 33.39 40.84 8.53
C GLU C 187 33.56 42.23 9.13
N ARG C 188 32.76 43.20 8.68
CA ARG C 188 32.76 44.55 9.25
C ARG C 188 31.40 44.91 9.81
N HIS C 189 30.47 43.94 9.84
CA HIS C 189 29.14 44.11 10.42
C HIS C 189 28.80 42.83 11.16
N ASN C 190 27.99 42.95 12.21
CA ASN C 190 27.75 41.82 13.11
C ASN C 190 26.32 41.28 13.00
N SER C 191 25.31 42.06 13.41
CA SER C 191 23.94 41.57 13.51
C SER C 191 23.10 42.00 12.30
N TYR C 192 22.78 41.04 11.44
CA TYR C 192 21.92 41.29 10.29
C TYR C 192 20.46 41.05 10.70
N THR C 193 19.55 41.73 10.01
CA THR C 193 18.13 41.67 10.35
C THR C 193 17.29 41.82 9.10
N CYS C 194 16.44 40.84 8.82
CA CYS C 194 15.46 40.95 7.74
C CYS C 194 14.05 40.87 8.33
N GLU C 195 13.15 41.73 7.83
CA GLU C 195 11.78 41.77 8.31
C GLU C 195 10.83 41.65 7.13
N ALA C 196 9.66 41.06 7.39
CA ALA C 196 8.65 40.82 6.35
C ALA C 196 7.30 41.38 6.78
N THR C 197 6.66 42.12 5.88
CA THR C 197 5.34 42.69 6.11
C THR C 197 4.31 41.92 5.29
N HIS C 198 3.35 41.31 5.97
CA HIS C 198 2.29 40.54 5.34
C HIS C 198 0.94 41.07 5.82
N LYS C 199 -0.15 40.55 5.27
CA LYS C 199 -1.47 41.02 5.65
C LYS C 199 -2.06 40.26 6.83
N THR C 200 -1.40 39.19 7.27
CA THR C 200 -1.89 38.44 8.42
C THR C 200 -1.76 39.26 9.70
N SER C 201 -0.71 40.06 9.80
CA SER C 201 -0.49 40.90 10.98
C SER C 201 0.15 42.21 10.55
N THR C 202 -0.16 43.26 11.31
CA THR C 202 0.36 44.60 11.03
C THR C 202 1.84 44.74 11.38
N SER C 203 2.32 44.00 12.38
CA SER C 203 3.72 44.10 12.79
C SER C 203 4.62 43.20 11.95
N PRO C 204 5.56 43.76 11.19
CA PRO C 204 6.46 42.93 10.37
C PRO C 204 7.31 41.99 11.21
N ILE C 205 7.43 40.76 10.73
CA ILE C 205 8.25 39.76 11.42
C ILE C 205 9.72 40.11 11.25
N VAL C 206 10.45 40.20 12.36
CA VAL C 206 11.84 40.65 12.39
C VAL C 206 12.73 39.50 12.84
N LYS C 207 13.73 39.16 12.02
CA LYS C 207 14.73 38.16 12.34
C LYS C 207 16.13 38.76 12.31
N SER C 208 16.97 38.39 13.28
CA SER C 208 18.31 38.95 13.43
C SER C 208 19.29 37.88 13.85
N PHE C 209 20.56 38.06 13.48
CA PHE C 209 21.63 37.18 13.95
C PHE C 209 22.93 37.97 14.09
N ASN C 210 23.89 37.36 14.79
CA ASN C 210 25.21 37.94 15.02
C ASN C 210 26.28 37.18 14.24
N ARG C 211 27.29 37.93 13.76
CA ARG C 211 28.40 37.34 13.02
C ARG C 211 29.41 36.64 13.92
N ASN C 212 29.50 37.03 15.19
CA ASN C 212 30.50 36.46 16.09
C ASN C 212 30.22 35.00 16.38
N GLU C 213 30.46 34.14 15.38
CA GLU C 213 30.35 32.69 15.50
C GLU C 213 29.05 32.28 16.19
N CYS C 214 27.95 32.85 15.69
CA CYS C 214 26.58 32.63 16.18
C CYS C 214 26.50 32.43 17.70
CL19 SRE D . -4.24 -16.01 16.99
C16 SRE D . -5.08 -16.59 15.52
C15 SRE D . -5.84 -15.72 14.76
CL20 SRE D . -5.98 -14.01 15.25
C17 SRE D . -4.97 -17.92 15.14
C18 SRE D . -5.63 -18.37 14.00
C13 SRE D . -6.39 -17.49 13.24
C14 SRE D . -6.49 -16.16 13.63
C4 SRE D . -7.13 -17.98 11.95
C5 SRE D . -6.18 -19.00 11.15
C6 SRE D . -5.05 -18.56 10.49
C7 SRE D . -4.25 -19.48 9.79
C8 SRE D . -4.60 -20.83 9.76
C9 SRE D . -5.74 -21.27 10.41
C10 SRE D . -6.53 -20.37 11.11
C1 SRE D . -7.84 -20.87 11.88
N11 SRE D . -7.47 -22.08 12.65
C12 SRE D . -6.59 -21.72 13.75
C2 SRE D . -8.56 -19.91 12.80
C3 SRE D . -8.48 -18.46 12.38
C1 NAG E . -1.82 -2.91 -21.58
C2 NAG E . -1.30 -1.46 -21.58
C3 NAG E . 0.16 -1.43 -22.01
C4 NAG E . 1.00 -2.38 -21.17
C5 NAG E . 0.40 -3.78 -21.21
C6 NAG E . 1.10 -4.76 -20.30
C7 NAG E . -2.52 0.60 -22.10
C8 NAG E . -3.34 1.32 -23.13
N2 NAG E . -2.11 -0.63 -22.44
O3 NAG E . 0.66 -0.10 -21.89
O4 NAG E . 2.33 -2.43 -21.68
O5 NAG E . -0.97 -3.72 -20.78
O6 NAG E . 0.20 -5.75 -19.83
O7 NAG E . -2.23 1.11 -21.02
C1 CLR F . 18.74 -8.83 0.01
C2 CLR F . 19.04 -7.83 -1.09
C3 CLR F . 17.74 -7.25 -1.59
C4 CLR F . 17.00 -6.54 -0.46
C5 CLR F . 16.95 -7.39 0.79
C6 CLR F . 15.81 -7.44 1.49
C7 CLR F . 15.56 -8.48 2.55
C8 CLR F . 16.85 -8.69 3.32
C9 CLR F . 17.92 -9.16 2.36
C10 CLR F . 18.18 -8.14 1.24
C11 CLR F . 19.19 -9.54 3.12
C12 CLR F . 18.96 -10.42 4.36
C13 CLR F . 17.94 -9.77 5.27
C14 CLR F . 16.68 -9.68 4.45
C15 CLR F . 15.58 -9.39 5.44
C16 CLR F . 16.01 -10.13 6.69
C17 CLR F . 17.47 -10.53 6.51
C18 CLR F . 18.47 -8.39 5.64
C19 CLR F . 19.18 -7.08 1.67
C20 CLR F . 18.23 -10.26 7.79
C21 CLR F . 19.66 -10.77 7.69
C22 CLR F . 17.52 -10.84 9.01
C23 CLR F . 16.85 -9.74 9.82
C24 CLR F . 15.55 -10.20 10.47
C25 CLR F . 15.25 -9.46 11.77
C26 CLR F . 13.75 -9.36 12.03
C27 CLR F . 15.95 -10.12 12.95
O1 CLR F . 18.01 -6.30 -2.62
C1 NAG G . -13.56 -11.65 -33.94
C2 NAG G . -14.11 -11.16 -35.32
C3 NAG G . -13.02 -11.11 -36.40
C4 NAG G . -11.83 -10.28 -35.93
C5 NAG G . -11.18 -10.97 -34.74
C6 NAG G . -10.01 -10.16 -34.17
C7 NAG G . -15.38 -13.18 -36.10
C8 NAG G . -16.75 -13.67 -36.51
N2 NAG G . -15.30 -11.88 -35.76
O3 NAG G . -13.57 -10.51 -37.57
O4 NAG G . -10.87 -10.08 -36.97
O5 NAG G . -12.15 -11.09 -33.69
O6 NAG G . -8.83 -10.91 -33.94
O7 NAG G . -14.41 -13.94 -36.08
CL CL H . -11.21 -28.53 6.48
NA NA I . -10.97 -23.89 10.27
NA NA J . -14.48 -17.59 11.96
#